data_9NPJ
#
_entry.id   9NPJ
#
_cell.length_a   140.045
_cell.length_b   140.045
_cell.length_c   273.020
_cell.angle_alpha   90.000
_cell.angle_beta   90.000
_cell.angle_gamma   120.000
#
_symmetry.space_group_name_H-M   'P 61 2 2'
#
loop_
_entity.id
_entity.type
_entity.pdbx_description
1 polymer 'aspartate--tRNA ligase'
2 non-polymer 9-(5-O-{[(1R,2R)-2-amino-3-carboxy-1-hydroxypropyl]sulfamoyl}-beta-D-lyxofuranosyl)-2-chloro-9H-purin-6-amine
3 non-polymer GLYCEROL
4 water water
#
_entity_poly.entity_id   1
_entity_poly.type   'polypeptide(L)'
_entity_poly.pdbx_seq_one_letter_code
;AERENLKNEATKVLEHVCEDINKESYGFVKISKMKENEKEIRLFNLEEIYHSLMKVGGSGATDGGKREDDAASHSVVAES
NGAHLLQSDIWVRGRIHDIRSKGSLAFIILRHKLYSMQCILDIKHNDNDKNMMKWVSNLPLESIVDIKGKLSKPEVPIDS
TNIKYEAHIRKIFCISKTAKELPFLLKDANMKETNEEGSIKVNQDNRLNNRCVDLRTYANYSIFCLQSQICTIFKNFLLE
NNFIEIHTPKLLGESSEGGANAFQINYFNQKGFLAQSPQLYKQMCINSGFDRVFEVAPVFRAENSNTYRHLCEYVSLDVE
MTYKYDYLENVHFYDSMFKHIFTELSKGGKNEMLIKTVKGQYPCEDFQWLEETPIFTYEEAIKMLIQHGKLHLKEEEILA
YDMSTDMEKELGKIVKASHHTDYYIIINFPSALRPFYTMYKEDEPAISNSYDFFMRGEEILSGSQRISDVNLLLENIKRF
NLDANKLNFYIDSFAYSSYPHSGCGIGLERVLMLFLGLNNIRKTSLFPRDPKRLIP
;
_entity_poly.pdbx_strand_id   A,B
#
# COMPACT_ATOMS: atom_id res chain seq x y z
N GLU A 2 -23.96 48.30 -38.46
CA GLU A 2 -22.57 48.06 -38.10
C GLU A 2 -22.27 46.56 -38.07
N ARG A 3 -23.32 45.75 -38.04
CA ARG A 3 -23.24 44.28 -38.05
C ARG A 3 -22.43 43.72 -36.89
N GLU A 4 -22.12 44.53 -35.88
CA GLU A 4 -21.45 44.00 -34.70
C GLU A 4 -22.43 43.45 -33.67
N ASN A 5 -23.63 44.03 -33.57
CA ASN A 5 -24.62 43.54 -32.60
C ASN A 5 -25.00 42.09 -32.87
N LEU A 6 -24.99 41.67 -34.14
CA LEU A 6 -25.31 40.28 -34.45
C LEU A 6 -24.28 39.33 -33.87
N LYS A 7 -23.01 39.74 -33.87
CA LYS A 7 -21.94 38.90 -33.34
C LYS A 7 -21.98 38.85 -31.81
N ASN A 8 -22.27 39.98 -31.17
CA ASN A 8 -22.37 39.98 -29.71
C ASN A 8 -23.54 39.12 -29.24
N GLU A 9 -24.63 39.09 -30.00
CA GLU A 9 -25.77 38.27 -29.61
C GLU A 9 -25.45 36.79 -29.76
N ALA A 10 -24.83 36.40 -30.87
CA ALA A 10 -24.43 35.01 -31.06
C ALA A 10 -23.39 34.60 -30.02
N THR A 11 -22.57 35.54 -29.54
CA THR A 11 -21.63 35.22 -28.47
C THR A 11 -22.34 34.94 -27.16
N LYS A 12 -23.38 35.71 -26.85
CA LYS A 12 -24.19 35.41 -25.68
C LYS A 12 -24.76 34.01 -25.74
N VAL A 13 -25.12 33.54 -26.94
CA VAL A 13 -25.64 32.19 -27.09
C VAL A 13 -24.56 31.16 -26.78
N LEU A 14 -23.37 31.33 -27.34
CA LEU A 14 -22.29 30.37 -27.12
C LEU A 14 -21.90 30.29 -25.64
N GLU A 15 -22.04 31.39 -24.91
CA GLU A 15 -21.63 31.46 -23.51
C GLU A 15 -22.78 31.27 -22.55
N HIS A 16 -23.93 30.83 -23.06
CA HIS A 16 -25.15 30.89 -22.28
C HIS A 16 -25.05 30.11 -20.98
N VAL A 17 -25.35 30.78 -19.87
CA VAL A 17 -25.47 30.15 -18.57
C VAL A 17 -26.94 29.87 -18.32
N CYS A 18 -27.26 28.64 -17.94
CA CYS A 18 -28.63 28.24 -17.68
C CYS A 18 -28.99 28.52 -16.22
N GLU A 19 -30.07 29.26 -16.01
CA GLU A 19 -30.47 29.61 -14.66
C GLU A 19 -31.56 28.72 -14.09
N ASP A 20 -32.12 27.82 -14.90
CA ASP A 20 -33.26 27.01 -14.45
C ASP A 20 -33.43 25.87 -15.47
N ILE A 21 -32.94 24.68 -15.11
CA ILE A 21 -32.97 23.55 -16.05
C ILE A 21 -34.39 23.03 -16.19
N ASN A 22 -35.32 23.61 -15.44
CA ASN A 22 -36.73 23.29 -15.62
C ASN A 22 -37.29 23.98 -16.86
N LYS A 23 -36.81 25.18 -17.18
CA LYS A 23 -37.33 25.97 -18.29
C LYS A 23 -36.41 26.02 -19.49
N GLU A 24 -35.27 25.35 -19.45
CA GLU A 24 -34.29 25.42 -20.53
C GLU A 24 -33.81 24.03 -20.90
N SER A 25 -33.12 23.95 -22.04
CA SER A 25 -32.65 22.68 -22.57
C SER A 25 -31.14 22.61 -22.70
N TYR A 26 -30.42 23.71 -22.53
CA TYR A 26 -28.97 23.70 -22.74
C TYR A 26 -28.31 24.82 -21.96
N GLY A 27 -27.01 24.67 -21.72
CA GLY A 27 -26.22 25.73 -21.12
C GLY A 27 -25.19 25.26 -20.12
N PHE A 28 -24.25 26.15 -19.77
CA PHE A 28 -23.40 25.93 -18.61
C PHE A 28 -24.21 26.15 -17.34
N VAL A 29 -24.04 25.25 -16.38
CA VAL A 29 -24.85 25.28 -15.15
C VAL A 29 -23.95 24.97 -13.97
N LYS A 30 -24.17 25.68 -12.86
CA LYS A 30 -23.52 25.34 -11.61
C LYS A 30 -24.12 24.06 -11.05
N ILE A 31 -23.28 23.26 -10.39
CA ILE A 31 -23.73 21.99 -9.83
C ILE A 31 -24.93 22.18 -8.89
N SER A 32 -24.93 23.28 -8.12
CA SER A 32 -26.00 23.54 -7.17
C SER A 32 -27.35 23.84 -7.82
N LYS A 33 -27.40 24.05 -9.13
CA LYS A 33 -28.65 24.30 -9.84
C LYS A 33 -29.17 23.06 -10.58
N MET A 34 -28.52 21.92 -10.42
CA MET A 34 -28.95 20.70 -11.11
C MET A 34 -30.03 19.99 -10.29
N LYS A 35 -31.11 20.72 -10.03
CA LYS A 35 -32.31 20.19 -9.38
C LYS A 35 -33.46 20.27 -10.38
N GLU A 36 -34.16 19.16 -10.55
CA GLU A 36 -35.30 19.05 -11.46
C GLU A 36 -36.56 18.92 -10.62
N ASN A 37 -37.37 19.99 -10.59
CA ASN A 37 -38.60 20.03 -9.79
C ASN A 37 -38.29 20.12 -8.30
N GLU A 38 -37.30 20.93 -7.94
CA GLU A 38 -36.85 21.09 -6.56
C GLU A 38 -36.43 19.76 -5.93
N LYS A 39 -36.16 18.75 -6.76
CA LYS A 39 -35.78 17.42 -6.31
C LYS A 39 -34.46 17.02 -6.97
N GLU A 40 -33.90 15.91 -6.48
CA GLU A 40 -32.57 15.45 -6.90
C GLU A 40 -32.69 14.52 -8.11
N ILE A 41 -31.72 14.64 -9.02
CA ILE A 41 -31.72 13.84 -10.25
C ILE A 41 -31.11 12.48 -9.98
N ARG A 42 -31.76 11.43 -10.48
CA ARG A 42 -31.16 10.10 -10.56
C ARG A 42 -30.17 10.12 -11.72
N LEU A 43 -28.88 10.19 -11.43
CA LEU A 43 -27.85 10.35 -12.44
C LEU A 43 -27.09 9.04 -12.63
N PHE A 44 -26.97 8.59 -13.88
CA PHE A 44 -26.22 7.40 -14.23
C PHE A 44 -24.84 7.77 -14.75
N ASN A 45 -23.91 6.82 -14.62
CA ASN A 45 -22.66 6.84 -15.37
C ASN A 45 -22.69 5.74 -16.42
N LEU A 46 -21.75 5.81 -17.37
CA LEU A 46 -21.78 4.86 -18.48
C LEU A 46 -21.46 3.44 -18.03
N GLU A 47 -20.70 3.28 -16.94
CA GLU A 47 -20.39 1.94 -16.42
C GLU A 47 -21.66 1.20 -16.01
N GLU A 48 -22.50 1.84 -15.21
CA GLU A 48 -23.79 1.24 -14.86
C GLU A 48 -24.59 0.91 -16.12
N ILE A 49 -24.62 1.84 -17.07
CA ILE A 49 -25.40 1.64 -18.28
C ILE A 49 -24.89 0.41 -19.04
N TYR A 50 -23.58 0.23 -19.10
CA TYR A 50 -23.02 -0.92 -19.82
C TYR A 50 -23.39 -2.25 -19.13
N HIS A 51 -23.31 -2.31 -17.80
CA HIS A 51 -23.62 -3.56 -17.09
C HIS A 51 -25.07 -3.95 -17.26
N SER A 52 -26.00 -3.00 -17.12
CA SER A 52 -27.42 -3.33 -17.26
C SER A 52 -27.78 -3.73 -18.68
N LEU A 53 -27.09 -3.21 -19.68
CA LEU A 53 -27.53 -3.39 -21.07
C LEU A 53 -26.73 -4.43 -21.83
N MET A 54 -25.52 -4.74 -21.39
CA MET A 54 -24.68 -5.72 -22.09
C MET A 54 -24.31 -6.88 -21.16
N HIS A 84 -35.63 -0.75 -17.58
CA HIS A 84 -36.06 0.27 -16.62
C HIS A 84 -35.58 1.64 -17.05
N LEU A 85 -34.30 1.73 -17.41
CA LEU A 85 -33.75 2.89 -18.08
C LEU A 85 -33.97 2.86 -19.59
N LEU A 86 -34.79 1.93 -20.07
CA LEU A 86 -35.29 1.96 -21.43
C LEU A 86 -36.73 2.43 -21.52
N GLN A 87 -37.41 2.59 -20.38
CA GLN A 87 -38.80 2.99 -20.42
C GLN A 87 -38.95 4.48 -20.74
N SER A 88 -38.06 5.32 -20.22
CA SER A 88 -38.27 6.76 -20.29
C SER A 88 -36.92 7.48 -20.30
N ASP A 89 -36.98 8.81 -20.24
CA ASP A 89 -35.78 9.63 -20.24
C ASP A 89 -34.94 9.33 -19.01
N ILE A 90 -33.62 9.36 -19.18
CA ILE A 90 -32.69 9.21 -18.07
C ILE A 90 -31.68 10.34 -18.13
N TRP A 91 -30.98 10.52 -17.02
CA TRP A 91 -29.85 11.43 -16.94
C TRP A 91 -28.55 10.62 -16.91
N VAL A 92 -27.55 11.10 -17.64
CA VAL A 92 -26.25 10.45 -17.76
C VAL A 92 -25.17 11.53 -17.78
N ARG A 93 -24.03 11.25 -17.17
CA ARG A 93 -22.89 12.16 -17.11
C ARG A 93 -21.72 11.52 -17.84
N GLY A 94 -20.88 12.36 -18.47
CA GLY A 94 -19.67 11.85 -19.06
C GLY A 94 -18.86 12.97 -19.66
N ARG A 95 -17.69 12.59 -20.19
CA ARG A 95 -16.82 13.50 -20.92
C ARG A 95 -17.11 13.42 -22.41
N ILE A 96 -16.97 14.55 -23.09
CA ILE A 96 -17.18 14.61 -24.54
C ILE A 96 -15.92 14.05 -25.20
N HIS A 97 -15.96 12.78 -25.57
CA HIS A 97 -14.83 12.16 -26.25
C HIS A 97 -14.68 12.70 -27.67
N ASP A 98 -15.80 12.84 -28.37
CA ASP A 98 -15.83 13.29 -29.76
C ASP A 98 -17.18 13.92 -30.03
N ILE A 99 -17.19 14.87 -30.97
CA ILE A 99 -18.44 15.52 -31.36
C ILE A 99 -18.40 15.87 -32.83
N ARG A 100 -19.38 15.39 -33.59
CA ARG A 100 -19.43 15.56 -35.05
C ARG A 100 -20.71 16.32 -35.40
N SER A 101 -20.58 17.54 -35.94
CA SER A 101 -21.73 18.31 -36.36
C SER A 101 -22.07 17.97 -37.80
N LYS A 102 -23.37 17.71 -38.06
CA LYS A 102 -23.83 17.36 -39.42
C LYS A 102 -25.16 18.08 -39.70
N GLY A 103 -25.10 19.40 -39.87
CA GLY A 103 -26.29 20.17 -40.21
C GLY A 103 -27.24 20.21 -39.03
N SER A 104 -28.46 19.72 -39.23
CA SER A 104 -29.42 19.63 -38.12
C SER A 104 -29.17 18.47 -37.17
N LEU A 105 -28.21 17.59 -37.45
CA LEU A 105 -27.77 16.56 -36.50
C LEU A 105 -26.41 16.92 -35.91
N ALA A 106 -26.19 16.46 -34.68
CA ALA A 106 -24.90 16.51 -34.00
C ALA A 106 -24.73 15.21 -33.23
N PHE A 107 -23.54 14.62 -33.34
CA PHE A 107 -23.24 13.32 -32.73
C PHE A 107 -22.18 13.51 -31.66
N ILE A 108 -22.51 13.10 -30.43
CA ILE A 108 -21.61 13.19 -29.29
C ILE A 108 -21.26 11.79 -28.84
N ILE A 109 -19.97 11.51 -28.71
CA ILE A 109 -19.53 10.33 -27.99
C ILE A 109 -19.24 10.73 -26.55
N LEU A 110 -19.93 10.10 -25.61
CA LEU A 110 -19.63 10.26 -24.20
C LEU A 110 -18.67 9.18 -23.76
N ARG A 111 -17.81 9.50 -22.79
CA ARG A 111 -16.82 8.54 -22.33
C ARG A 111 -16.75 8.54 -20.81
N HIS A 112 -16.61 7.35 -20.24
CA HIS A 112 -16.37 7.16 -18.82
C HIS A 112 -15.48 5.93 -18.66
N LYS A 113 -14.31 6.11 -18.05
CA LYS A 113 -13.37 4.98 -17.97
C LYS A 113 -13.15 4.42 -19.38
N LEU A 114 -13.54 3.18 -19.63
CA LEU A 114 -13.38 2.61 -20.96
C LEU A 114 -14.73 2.29 -21.59
N TYR A 115 -15.78 2.97 -21.15
CA TYR A 115 -17.11 2.89 -21.71
C TYR A 115 -17.42 4.16 -22.51
N SER A 116 -18.07 3.98 -23.66
CA SER A 116 -18.46 5.11 -24.49
C SER A 116 -19.81 4.81 -25.14
N MET A 117 -20.50 5.88 -25.51
CA MET A 117 -21.86 5.77 -26.02
C MET A 117 -22.17 6.99 -26.87
N GLN A 118 -22.71 6.76 -28.06
CA GLN A 118 -23.10 7.86 -28.93
C GLN A 118 -24.40 8.49 -28.47
N CYS A 119 -24.44 9.81 -28.46
CA CYS A 119 -25.64 10.58 -28.16
C CYS A 119 -25.93 11.49 -29.33
N ILE A 120 -27.21 11.72 -29.61
CA ILE A 120 -27.63 12.35 -30.86
C ILE A 120 -28.55 13.51 -30.54
N LEU A 121 -28.21 14.71 -31.03
CA LEU A 121 -29.08 15.86 -30.97
C LEU A 121 -29.67 16.10 -32.36
N ASP A 122 -30.98 15.97 -32.49
CA ASP A 122 -31.69 16.13 -33.75
C ASP A 122 -32.65 17.28 -33.54
N ILE A 123 -32.28 18.47 -34.01
CA ILE A 123 -33.08 19.66 -33.69
C ILE A 123 -34.32 19.80 -34.57
N LYS A 124 -34.45 19.00 -35.62
CA LYS A 124 -35.80 18.84 -36.17
C LYS A 124 -36.72 18.10 -35.19
N HIS A 125 -36.19 17.70 -34.02
CA HIS A 125 -36.91 17.06 -32.93
C HIS A 125 -36.85 17.85 -31.64
N ASN A 126 -36.42 19.11 -31.68
CA ASN A 126 -36.26 19.93 -30.47
C ASN A 126 -36.70 21.38 -30.72
N ASP A 127 -37.82 21.55 -31.42
CA ASP A 127 -38.48 22.84 -31.58
C ASP A 127 -37.70 23.82 -32.47
N ASN A 128 -36.91 23.28 -33.40
CA ASN A 128 -36.06 24.09 -34.28
C ASN A 128 -35.28 25.13 -33.49
N ASP A 129 -34.78 24.72 -32.31
CA ASP A 129 -33.90 25.53 -31.47
C ASP A 129 -32.50 25.49 -32.08
N LYS A 130 -32.29 26.39 -33.05
CA LYS A 130 -31.00 26.50 -33.71
C LYS A 130 -29.92 27.01 -32.76
N ASN A 131 -30.31 27.83 -31.78
CA ASN A 131 -29.33 28.32 -30.81
C ASN A 131 -28.78 27.19 -29.95
N MET A 132 -29.62 26.22 -29.62
CA MET A 132 -29.14 25.05 -28.89
C MET A 132 -28.11 24.28 -29.70
N MET A 133 -28.35 24.12 -31.01
CA MET A 133 -27.36 23.45 -31.84
C MET A 133 -26.06 24.26 -31.89
N LYS A 134 -26.18 25.58 -32.09
CA LYS A 134 -24.99 26.43 -32.09
C LYS A 134 -24.19 26.25 -30.80
N TRP A 135 -24.88 26.15 -29.67
CA TRP A 135 -24.20 26.00 -28.39
C TRP A 135 -23.55 24.63 -28.25
N VAL A 136 -24.24 23.58 -28.70
CA VAL A 136 -23.69 22.23 -28.60
C VAL A 136 -22.45 22.09 -29.48
N SER A 137 -22.53 22.54 -30.73
CA SER A 137 -21.40 22.36 -31.64
C SER A 137 -20.16 23.06 -31.12
N ASN A 138 -20.33 24.07 -30.28
CA ASN A 138 -19.22 24.90 -29.84
C ASN A 138 -18.52 24.34 -28.60
N LEU A 139 -19.07 23.29 -27.99
CA LEU A 139 -18.44 22.72 -26.80
C LEU A 139 -17.08 22.09 -27.15
N PRO A 140 -16.04 22.36 -26.38
CA PRO A 140 -14.74 21.74 -26.66
C PRO A 140 -14.64 20.32 -26.09
N LEU A 141 -13.85 19.50 -26.78
CA LEU A 141 -13.62 18.12 -26.37
C LEU A 141 -13.20 18.06 -24.91
N GLU A 142 -13.56 16.95 -24.26
CA GLU A 142 -13.26 16.59 -22.89
C GLU A 142 -14.16 17.30 -21.89
N SER A 143 -15.03 18.20 -22.32
CA SER A 143 -15.91 18.86 -21.37
C SER A 143 -16.84 17.83 -20.76
N ILE A 144 -17.27 18.08 -19.52
CA ILE A 144 -18.16 17.18 -18.81
C ILE A 144 -19.58 17.73 -18.91
N VAL A 145 -20.52 16.89 -19.37
CA VAL A 145 -21.90 17.29 -19.55
C VAL A 145 -22.81 16.31 -18.84
N ASP A 146 -23.98 16.79 -18.43
CA ASP A 146 -25.10 15.96 -18.00
C ASP A 146 -26.14 16.00 -19.10
N ILE A 147 -26.46 14.85 -19.66
CA ILE A 147 -27.41 14.75 -20.75
C ILE A 147 -28.67 14.10 -20.22
N LYS A 148 -29.81 14.61 -20.66
CA LYS A 148 -31.11 13.96 -20.42
C LYS A 148 -31.62 13.47 -21.75
N GLY A 149 -31.87 12.18 -21.87
CA GLY A 149 -32.38 11.70 -23.13
C GLY A 149 -32.92 10.28 -23.00
N LYS A 150 -33.36 9.77 -24.14
CA LYS A 150 -33.98 8.47 -24.24
C LYS A 150 -33.00 7.52 -24.90
N LEU A 151 -32.84 6.33 -24.33
CA LEU A 151 -31.98 5.31 -24.93
C LEU A 151 -32.79 4.42 -25.87
N SER A 152 -32.14 3.99 -26.95
CA SER A 152 -32.74 3.04 -27.87
C SER A 152 -31.64 2.33 -28.64
N LYS A 153 -32.00 1.21 -29.25
CA LYS A 153 -31.01 0.43 -29.99
C LYS A 153 -31.13 0.72 -31.47
N PRO A 154 -30.03 1.06 -32.14
CA PRO A 154 -30.09 1.39 -33.56
C PRO A 154 -29.82 0.18 -34.45
N GLU A 155 -30.25 0.30 -35.70
CA GLU A 155 -30.02 -0.76 -36.67
C GLU A 155 -28.56 -1.16 -36.73
N VAL A 156 -27.69 -0.21 -37.09
CA VAL A 156 -26.27 -0.46 -37.23
C VAL A 156 -25.52 0.30 -36.13
N PRO A 157 -25.16 -0.35 -35.02
CA PRO A 157 -24.50 0.38 -33.93
C PRO A 157 -23.09 0.82 -34.30
N ILE A 158 -22.64 1.89 -33.64
CA ILE A 158 -21.30 2.42 -33.88
C ILE A 158 -20.27 1.42 -33.40
N ASP A 159 -19.21 1.22 -34.20
CA ASP A 159 -18.17 0.26 -33.81
C ASP A 159 -17.34 0.78 -32.65
N SER A 160 -17.06 2.09 -32.62
CA SER A 160 -16.16 2.61 -31.60
C SER A 160 -16.73 2.48 -30.19
N THR A 161 -18.06 2.49 -30.05
CA THR A 161 -18.69 2.50 -28.73
C THR A 161 -19.01 1.09 -28.30
N ASN A 162 -18.61 0.73 -27.08
CA ASN A 162 -18.87 -0.62 -26.59
C ASN A 162 -20.24 -0.75 -25.91
N ILE A 163 -20.91 0.36 -25.60
CA ILE A 163 -22.35 0.35 -25.36
C ILE A 163 -23.05 0.48 -26.70
N LYS A 164 -23.98 -0.43 -26.99
CA LYS A 164 -24.61 -0.47 -28.31
C LYS A 164 -25.98 0.17 -28.32
N TYR A 165 -26.29 0.99 -27.33
CA TYR A 165 -27.47 1.85 -27.35
C TYR A 165 -27.03 3.28 -27.62
N GLU A 166 -28.00 4.11 -27.98
CA GLU A 166 -27.77 5.52 -28.24
C GLU A 166 -28.74 6.36 -27.41
N ALA A 167 -28.27 7.49 -26.92
CA ALA A 167 -29.14 8.46 -26.27
C ALA A 167 -29.59 9.51 -27.28
N HIS A 168 -30.87 9.77 -27.33
CA HIS A 168 -31.39 10.87 -28.12
C HIS A 168 -31.56 12.05 -27.18
N ILE A 169 -30.83 13.14 -27.45
CA ILE A 169 -30.66 14.19 -26.47
C ILE A 169 -31.95 14.99 -26.36
N ARG A 170 -32.48 15.08 -25.15
CA ARG A 170 -33.53 16.03 -24.86
C ARG A 170 -32.98 17.31 -24.24
N LYS A 171 -31.99 17.19 -23.35
CA LYS A 171 -31.36 18.33 -22.72
C LYS A 171 -29.87 18.04 -22.56
N ILE A 172 -29.06 19.09 -22.58
CA ILE A 172 -27.63 18.91 -22.35
C ILE A 172 -27.06 20.14 -21.65
N PHE A 173 -26.45 19.93 -20.49
CA PHE A 173 -25.84 21.01 -19.70
C PHE A 173 -24.39 20.67 -19.43
N CYS A 174 -23.55 21.67 -19.47
CA CYS A 174 -22.11 21.47 -19.26
C CYS A 174 -21.76 21.93 -17.85
N ILE A 175 -21.34 20.98 -17.00
CA ILE A 175 -20.91 21.32 -15.64
C ILE A 175 -19.41 21.59 -15.54
N SER A 176 -18.62 21.24 -16.56
CA SER A 176 -17.21 21.63 -16.57
C SER A 176 -16.70 21.75 -18.00
N LYS A 177 -16.35 22.97 -18.40
CA LYS A 177 -15.88 23.25 -19.76
C LYS A 177 -14.36 23.19 -19.83
N THR A 178 -13.83 22.43 -20.78
CA THR A 178 -12.40 22.49 -21.09
C THR A 178 -11.95 23.93 -21.29
N ALA A 179 -10.88 24.33 -20.60
CA ALA A 179 -10.46 25.74 -20.60
C ALA A 179 -9.33 26.05 -21.57
N LYS A 180 -8.71 25.04 -22.17
CA LYS A 180 -7.44 25.21 -22.85
C LYS A 180 -7.31 24.14 -23.95
N GLU A 181 -6.61 24.51 -25.02
CA GLU A 181 -6.37 23.58 -26.11
C GLU A 181 -5.61 22.36 -25.61
N LEU A 182 -6.06 21.17 -25.99
CA LEU A 182 -5.41 19.94 -25.56
C LEU A 182 -4.00 19.84 -26.15
N PRO A 183 -3.07 19.23 -25.40
CA PRO A 183 -1.68 19.13 -25.92
C PRO A 183 -1.57 18.22 -27.12
N PHE A 184 -2.53 17.34 -27.33
CA PHE A 184 -2.59 16.40 -28.45
C PHE A 184 -3.99 15.81 -28.41
N LEU A 185 -4.41 15.22 -29.50
CA LEU A 185 -5.76 14.68 -29.58
C LEU A 185 -5.76 13.22 -29.11
N LEU A 186 -6.82 12.83 -28.39
CA LEU A 186 -6.95 11.45 -27.94
C LEU A 186 -7.12 10.48 -29.09
N LYS A 187 -7.78 10.88 -30.17
CA LYS A 187 -7.81 10.03 -31.37
C LYS A 187 -6.39 9.59 -31.74
N ASP A 188 -5.44 10.52 -31.69
CA ASP A 188 -4.06 10.19 -32.02
C ASP A 188 -3.38 9.39 -30.91
N ALA A 189 -3.63 9.76 -29.65
CA ALA A 189 -2.96 9.06 -28.56
C ALA A 189 -3.50 7.66 -28.36
N ASN A 190 -4.72 7.37 -28.82
CA ASN A 190 -5.29 6.03 -28.71
C ASN A 190 -4.82 5.09 -29.83
N MET A 191 -4.18 5.61 -30.87
CA MET A 191 -3.89 4.83 -32.09
C MET A 191 -2.77 3.82 -31.90
N LYS A 192 -2.92 2.64 -32.51
CA LYS A 192 -1.85 1.65 -32.55
C LYS A 192 -0.62 2.20 -33.29
N GLU A 193 0.47 1.42 -33.25
CA GLU A 193 1.75 1.84 -33.84
C GLU A 193 1.59 2.17 -35.31
N THR A 194 2.07 3.36 -35.69
CA THR A 194 1.74 3.97 -36.98
C THR A 194 2.88 3.77 -37.97
N ASN A 195 2.67 2.85 -38.92
CA ASN A 195 3.53 2.71 -40.09
C ASN A 195 2.82 3.13 -41.38
N GLU A 196 1.71 3.85 -41.25
CA GLU A 196 0.81 4.17 -42.35
C GLU A 196 0.88 5.66 -42.65
N GLU A 197 0.30 6.04 -43.80
CA GLU A 197 0.37 7.41 -44.28
C GLU A 197 -0.57 8.30 -43.49
N GLY A 198 -0.08 9.46 -43.07
CA GLY A 198 -0.87 10.37 -42.27
C GLY A 198 -1.07 9.96 -40.83
N SER A 199 -0.35 8.92 -40.37
CA SER A 199 -0.50 8.41 -39.03
C SER A 199 0.34 9.23 -38.05
N ILE A 200 -0.34 9.90 -37.11
CA ILE A 200 0.32 10.78 -36.14
C ILE A 200 0.62 9.97 -34.88
N LYS A 201 1.88 10.02 -34.44
CA LYS A 201 2.28 9.45 -33.17
C LYS A 201 2.40 10.57 -32.13
N VAL A 202 2.10 10.23 -30.89
CA VAL A 202 2.37 11.11 -29.75
C VAL A 202 3.55 10.50 -29.02
N ASN A 203 4.68 11.22 -28.97
CA ASN A 203 5.89 10.58 -28.47
C ASN A 203 5.92 10.57 -26.93
N GLN A 204 6.83 9.76 -26.37
CA GLN A 204 6.86 9.52 -24.94
C GLN A 204 7.01 10.82 -24.14
N ASP A 205 7.90 11.70 -24.58
CA ASP A 205 8.15 12.93 -23.83
C ASP A 205 6.89 13.77 -23.74
N ASN A 206 6.15 13.86 -24.85
CA ASN A 206 4.91 14.62 -24.89
C ASN A 206 3.86 13.99 -23.96
N ARG A 207 3.72 12.67 -24.01
CA ARG A 207 2.73 12.00 -23.17
C ARG A 207 3.02 12.22 -21.68
N LEU A 208 4.27 12.02 -21.27
CA LEU A 208 4.63 12.11 -19.86
C LEU A 208 4.57 13.56 -19.34
N ASN A 209 4.91 14.55 -20.17
CA ASN A 209 4.73 15.94 -19.78
C ASN A 209 3.28 16.34 -19.65
N ASN A 210 2.37 15.60 -20.30
CA ASN A 210 0.94 15.89 -20.20
C ASN A 210 0.22 14.66 -19.72
N ARG A 211 0.70 14.12 -18.59
CA ARG A 211 0.32 12.78 -18.18
C ARG A 211 -1.16 12.65 -17.89
N CYS A 212 -1.80 13.70 -17.37
CA CYS A 212 -3.22 13.61 -17.05
C CYS A 212 -4.09 13.58 -18.30
N VAL A 213 -3.56 13.96 -19.44
CA VAL A 213 -4.25 13.71 -20.69
C VAL A 213 -3.91 12.33 -21.23
N ASP A 214 -2.62 11.97 -21.22
CA ASP A 214 -2.20 10.64 -21.65
C ASP A 214 -2.93 9.54 -20.90
N LEU A 215 -3.15 9.71 -19.59
CA LEU A 215 -3.81 8.67 -18.82
C LEU A 215 -5.27 8.46 -19.21
N ARG A 216 -5.82 9.30 -20.08
CA ARG A 216 -7.21 9.12 -20.52
C ARG A 216 -7.37 8.17 -21.70
N THR A 217 -6.28 7.75 -22.37
CA THR A 217 -6.44 6.71 -23.38
C THR A 217 -6.99 5.44 -22.75
N TYR A 218 -7.71 4.66 -23.56
CA TYR A 218 -8.30 3.43 -23.05
C TYR A 218 -7.24 2.46 -22.53
N ALA A 219 -6.12 2.34 -23.25
CA ALA A 219 -5.09 1.38 -22.85
C ALA A 219 -4.42 1.80 -21.54
N ASN A 220 -4.06 3.08 -21.41
CA ASN A 220 -3.44 3.55 -20.17
C ASN A 220 -4.38 3.37 -18.97
N TYR A 221 -5.67 3.70 -19.16
CA TYR A 221 -6.64 3.45 -18.10
C TYR A 221 -6.63 1.99 -17.71
N SER A 222 -6.65 1.09 -18.72
CA SER A 222 -6.68 -0.34 -18.44
C SER A 222 -5.40 -0.78 -17.75
N ILE A 223 -4.26 -0.17 -18.12
CA ILE A 223 -2.98 -0.58 -17.56
C ILE A 223 -2.99 -0.41 -16.03
N PHE A 224 -3.44 0.74 -15.56
CA PHE A 224 -3.36 0.98 -14.12
C PHE A 224 -4.50 0.32 -13.33
N CYS A 225 -5.62 -0.03 -13.98
CA CYS A 225 -6.57 -0.95 -13.35
C CYS A 225 -5.93 -2.33 -13.16
N LEU A 226 -5.17 -2.78 -14.14
CA LEU A 226 -4.46 -4.04 -13.98
C LEU A 226 -3.40 -3.94 -12.89
N GLN A 227 -2.69 -2.81 -12.81
CA GLN A 227 -1.71 -2.66 -11.72
C GLN A 227 -2.38 -2.83 -10.36
N SER A 228 -3.49 -2.13 -10.16
CA SER A 228 -4.27 -2.30 -8.94
C SER A 228 -4.64 -3.77 -8.73
N GLN A 229 -5.03 -4.44 -9.81
CA GLN A 229 -5.42 -5.84 -9.72
C GLN A 229 -4.26 -6.71 -9.22
N ILE A 230 -3.02 -6.41 -9.62
CA ILE A 230 -1.89 -7.21 -9.15
C ILE A 230 -1.64 -6.98 -7.65
N CYS A 231 -1.63 -5.71 -7.20
CA CYS A 231 -1.54 -5.45 -5.77
C CYS A 231 -2.61 -6.24 -5.01
N THR A 232 -3.85 -6.26 -5.52
CA THR A 232 -4.93 -6.92 -4.81
C THR A 232 -4.70 -8.43 -4.71
N ILE A 233 -4.27 -9.05 -5.82
CA ILE A 233 -4.08 -10.50 -5.83
C ILE A 233 -2.89 -10.86 -4.95
N PHE A 234 -1.83 -10.08 -5.03
CA PHE A 234 -0.66 -10.29 -4.18
C PHE A 234 -1.05 -10.29 -2.71
N LYS A 235 -1.68 -9.21 -2.25
CA LYS A 235 -2.01 -9.09 -0.83
C LYS A 235 -2.95 -10.22 -0.39
N ASN A 236 -3.98 -10.52 -1.20
CA ASN A 236 -4.99 -11.47 -0.74
C ASN A 236 -4.45 -12.88 -0.65
N PHE A 237 -3.56 -13.26 -1.58
CA PHE A 237 -2.92 -14.56 -1.49
C PHE A 237 -2.11 -14.68 -0.20
N LEU A 238 -1.28 -13.68 0.09
CA LEU A 238 -0.47 -13.75 1.30
C LEU A 238 -1.33 -13.70 2.56
N LEU A 239 -2.35 -12.83 2.58
CA LEU A 239 -3.23 -12.78 3.75
C LEU A 239 -3.94 -14.12 3.97
N GLU A 240 -4.32 -14.80 2.89
CA GLU A 240 -4.95 -16.11 3.00
C GLU A 240 -4.00 -17.18 3.54
N ASN A 241 -2.68 -16.99 3.36
CA ASN A 241 -1.69 -17.88 3.95
C ASN A 241 -1.11 -17.31 5.22
N ASN A 242 -1.87 -16.45 5.89
CA ASN A 242 -1.58 -16.07 7.27
C ASN A 242 -0.40 -15.11 7.41
N PHE A 243 -0.14 -14.30 6.37
CA PHE A 243 0.83 -13.23 6.46
C PHE A 243 0.21 -12.01 7.14
N ILE A 244 1.06 -11.20 7.76
CA ILE A 244 0.64 -9.87 8.18
C ILE A 244 1.37 -8.82 7.33
N GLU A 245 0.66 -7.73 7.05
CA GLU A 245 1.25 -6.61 6.32
C GLU A 245 2.03 -5.70 7.28
N ILE A 246 3.21 -5.27 6.87
CA ILE A 246 4.04 -4.38 7.69
C ILE A 246 4.33 -3.09 6.93
N HIS A 247 4.69 -2.06 7.68
CA HIS A 247 5.15 -0.81 7.11
C HIS A 247 6.43 -0.45 7.83
N THR A 248 7.53 -0.36 7.09
CA THR A 248 8.83 -0.06 7.65
C THR A 248 9.37 1.23 7.05
N PRO A 249 10.26 1.93 7.76
CA PRO A 249 10.58 3.30 7.38
C PRO A 249 11.43 3.39 6.12
N LYS A 250 11.31 4.52 5.43
CA LYS A 250 12.13 4.80 4.25
C LYS A 250 13.24 5.81 4.52
N LEU A 251 13.16 6.57 5.61
CA LEU A 251 14.26 7.43 6.03
C LEU A 251 15.22 6.60 6.87
N LEU A 252 16.42 6.35 6.34
CA LEU A 252 17.45 5.56 7.00
C LEU A 252 18.63 6.42 7.42
N GLY A 253 19.40 5.89 8.36
CA GLY A 253 20.55 6.60 8.86
C GLY A 253 21.89 6.15 8.32
N GLU A 254 21.94 5.02 7.60
CA GLU A 254 23.23 4.49 7.17
C GLU A 254 23.02 3.51 6.02
N SER A 255 23.90 2.51 5.91
CA SER A 255 23.92 1.56 4.82
C SER A 255 25.19 0.70 4.93
N GLY A 258 23.85 -0.44 -0.26
CA GLY A 258 24.83 -0.11 -1.29
C GLY A 258 24.90 1.39 -1.53
N GLY A 259 25.62 2.07 -0.63
CA GLY A 259 25.68 3.51 -0.58
C GLY A 259 25.86 4.22 -1.90
N ALA A 260 26.39 3.50 -2.90
CA ALA A 260 26.59 4.09 -4.22
C ALA A 260 25.26 4.58 -4.82
N ASN A 261 24.20 3.78 -4.72
CA ASN A 261 22.94 4.09 -5.37
C ASN A 261 21.90 4.67 -4.42
N ALA A 262 22.31 5.35 -3.36
CA ALA A 262 21.41 5.81 -2.31
C ALA A 262 21.25 7.31 -2.36
N PHE A 263 20.00 7.77 -2.43
CA PHE A 263 19.74 9.19 -2.27
C PHE A 263 20.04 9.62 -0.84
N GLN A 264 20.59 10.81 -0.69
CA GLN A 264 20.97 11.37 0.60
C GLN A 264 20.02 12.50 0.96
N ILE A 265 19.65 12.61 2.23
CA ILE A 265 18.88 13.76 2.70
C ILE A 265 19.49 14.25 4.00
N ASN A 266 19.22 15.51 4.30
CA ASN A 266 19.56 16.11 5.58
C ASN A 266 18.38 15.86 6.53
N TYR A 267 18.58 14.96 7.48
CA TYR A 267 17.56 14.64 8.48
C TYR A 267 17.91 15.38 9.77
N PHE A 268 17.43 16.61 9.89
CA PHE A 268 17.67 17.41 11.08
C PHE A 268 19.16 17.45 11.41
N ASN A 269 19.95 17.94 10.44
CA ASN A 269 21.41 18.02 10.56
C ASN A 269 22.06 16.68 10.91
N GLN A 270 21.35 15.59 10.61
CA GLN A 270 21.92 14.25 10.61
C GLN A 270 22.01 13.79 9.16
N LYS A 271 22.93 12.86 8.89
CA LYS A 271 23.15 12.38 7.53
C LYS A 271 22.23 11.20 7.28
N GLY A 272 21.19 11.41 6.46
CA GLY A 272 20.23 10.36 6.17
C GLY A 272 20.17 9.89 4.73
N PHE A 273 19.54 8.74 4.50
CA PHE A 273 19.44 8.14 3.17
C PHE A 273 18.03 7.59 2.96
N LEU A 274 17.64 7.48 1.72
CA LEU A 274 16.37 6.86 1.39
C LEU A 274 16.58 5.36 1.22
N ALA A 275 15.61 4.60 1.70
CA ALA A 275 15.68 3.14 1.61
C ALA A 275 15.67 2.70 0.15
N GLN A 276 16.64 1.88 -0.21
CA GLN A 276 16.59 1.20 -1.49
C GLN A 276 15.70 -0.04 -1.45
N SER A 277 15.33 -0.48 -0.25
CA SER A 277 14.62 -1.72 -0.05
C SER A 277 14.30 -1.85 1.43
N PRO A 278 13.23 -2.56 1.80
CA PRO A 278 12.97 -2.80 3.22
C PRO A 278 13.72 -3.98 3.80
N GLN A 279 14.69 -4.53 3.04
CA GLN A 279 15.47 -5.71 3.40
C GLN A 279 15.73 -5.83 4.91
N LEU A 280 16.47 -4.87 5.48
CA LEU A 280 16.92 -5.01 6.86
C LEU A 280 15.73 -5.09 7.82
N TYR A 281 14.69 -4.30 7.58
CA TYR A 281 13.56 -4.22 8.50
C TYR A 281 12.66 -5.44 8.41
N LYS A 282 12.43 -5.98 7.21
CA LYS A 282 11.59 -7.18 7.13
C LYS A 282 12.28 -8.35 7.83
N GLN A 283 13.61 -8.46 7.69
CA GLN A 283 14.33 -9.47 8.46
C GLN A 283 14.20 -9.23 9.95
N MET A 284 14.40 -7.98 10.39
CA MET A 284 14.24 -7.69 11.81
C MET A 284 12.85 -8.07 12.30
N CYS A 285 11.83 -7.98 11.42
CA CYS A 285 10.49 -8.41 11.80
C CYS A 285 10.45 -9.92 12.00
N ILE A 286 11.11 -10.69 11.14
CA ILE A 286 11.13 -12.13 11.35
C ILE A 286 11.89 -12.46 12.63
N ASN A 287 13.01 -11.78 12.88
CA ASN A 287 13.70 -12.01 14.13
C ASN A 287 12.85 -11.66 15.33
N SER A 288 11.82 -10.82 15.15
CA SER A 288 10.92 -10.46 16.24
C SER A 288 9.79 -11.46 16.46
N GLY A 289 9.65 -12.46 15.60
CA GLY A 289 8.59 -13.43 15.75
C GLY A 289 7.37 -13.25 14.85
N PHE A 290 7.39 -12.29 13.91
CA PHE A 290 6.21 -12.12 13.06
C PHE A 290 6.00 -13.30 12.10
N ASP A 291 7.02 -14.10 11.81
CA ASP A 291 6.89 -15.37 11.10
C ASP A 291 6.63 -15.25 9.60
N ARG A 292 5.68 -14.39 9.20
CA ARG A 292 5.37 -14.17 7.78
C ARG A 292 4.90 -12.73 7.57
N VAL A 293 5.65 -11.98 6.79
CA VAL A 293 5.36 -10.56 6.60
C VAL A 293 5.45 -10.22 5.12
N PHE A 294 4.73 -9.17 4.72
CA PHE A 294 4.88 -8.62 3.38
C PHE A 294 4.72 -7.11 3.48
N GLU A 295 5.31 -6.41 2.51
CA GLU A 295 5.20 -4.97 2.44
C GLU A 295 4.99 -4.56 0.99
N VAL A 296 4.11 -3.59 0.76
CA VAL A 296 3.91 -2.95 -0.53
C VAL A 296 4.22 -1.47 -0.33
N ALA A 297 5.34 -1.01 -0.84
CA ALA A 297 5.75 0.35 -0.53
C ALA A 297 6.77 0.82 -1.55
N PRO A 298 6.94 2.13 -1.73
CA PRO A 298 8.00 2.64 -2.60
C PRO A 298 9.38 2.35 -2.05
N VAL A 299 10.35 2.23 -2.98
CA VAL A 299 11.78 2.29 -2.68
C VAL A 299 12.41 3.29 -3.65
N PHE A 300 13.62 3.72 -3.32
CA PHE A 300 14.26 4.84 -4.02
C PHE A 300 15.69 4.46 -4.38
N ARG A 301 16.00 4.47 -5.68
CA ARG A 301 17.28 3.99 -6.17
C ARG A 301 17.90 5.02 -7.11
N ALA A 302 19.07 5.52 -6.74
CA ALA A 302 19.76 6.56 -7.50
C ALA A 302 20.75 5.95 -8.48
N GLU A 303 20.20 5.18 -9.42
CA GLU A 303 20.98 4.64 -10.54
C GLU A 303 20.99 5.71 -11.62
N ASN A 304 22.15 6.33 -11.84
CA ASN A 304 22.28 7.36 -12.88
C ASN A 304 22.50 6.65 -14.21
N SER A 305 21.38 6.21 -14.80
CA SER A 305 21.37 5.25 -15.89
C SER A 305 19.98 5.29 -16.54
N ASN A 306 19.86 5.99 -17.66
CA ASN A 306 18.58 6.11 -18.36
C ASN A 306 18.37 4.86 -19.22
N THR A 307 17.43 4.02 -18.81
CA THR A 307 17.12 2.79 -19.53
C THR A 307 15.61 2.69 -19.66
N TYR A 308 15.19 1.75 -20.52
CA TYR A 308 13.79 1.46 -20.72
C TYR A 308 13.20 0.59 -19.61
N ARG A 309 14.00 0.12 -18.65
CA ARG A 309 13.53 -0.94 -17.78
C ARG A 309 13.63 -0.67 -16.29
N HIS A 310 14.30 0.41 -15.87
CA HIS A 310 14.44 0.74 -14.45
C HIS A 310 14.01 2.18 -14.21
N LEU A 311 13.65 2.47 -12.96
CA LEU A 311 13.27 3.82 -12.56
C LEU A 311 13.99 4.18 -11.27
N CYS A 312 14.00 5.47 -10.93
CA CYS A 312 14.64 5.87 -9.69
C CYS A 312 13.72 5.73 -8.49
N GLU A 313 12.43 5.48 -8.73
CA GLU A 313 11.46 5.22 -7.69
C GLU A 313 10.49 4.18 -8.24
N TYR A 314 10.19 3.16 -7.46
CA TYR A 314 9.22 2.17 -7.90
C TYR A 314 8.60 1.51 -6.68
N VAL A 315 7.49 0.82 -6.91
CA VAL A 315 6.77 0.11 -5.85
C VAL A 315 7.36 -1.29 -5.71
N SER A 316 7.90 -1.60 -4.54
CA SER A 316 8.48 -2.90 -4.28
C SER A 316 7.49 -3.78 -3.50
N LEU A 317 7.33 -5.01 -3.93
CA LEU A 317 6.55 -6.01 -3.20
C LEU A 317 7.55 -6.94 -2.52
N ASP A 318 7.49 -6.98 -1.20
CA ASP A 318 8.49 -7.67 -0.40
C ASP A 318 7.82 -8.74 0.45
N VAL A 319 8.45 -9.91 0.48
CA VAL A 319 8.02 -11.04 1.29
C VAL A 319 9.20 -11.52 2.13
N GLU A 320 8.92 -11.86 3.39
CA GLU A 320 9.90 -12.49 4.26
C GLU A 320 9.18 -13.50 5.14
N MET A 321 9.73 -14.71 5.26
CA MET A 321 9.02 -15.76 5.95
C MET A 321 10.00 -16.79 6.50
N THR A 322 9.56 -17.49 7.55
CA THR A 322 10.33 -18.62 8.04
C THR A 322 10.05 -19.87 7.20
N TYR A 323 10.97 -20.83 7.29
CA TYR A 323 10.76 -22.19 6.79
C TYR A 323 11.08 -23.18 7.91
N LYS A 324 10.77 -24.45 7.67
CA LYS A 324 10.97 -25.49 8.69
C LYS A 324 12.38 -26.05 8.64
N TYR A 325 12.72 -26.76 7.57
CA TYR A 325 14.07 -27.29 7.41
C TYR A 325 14.69 -27.02 6.05
N ASP A 326 13.89 -26.76 5.02
CA ASP A 326 14.41 -26.56 3.68
C ASP A 326 13.90 -25.22 3.14
N TYR A 327 14.82 -24.37 2.69
CA TYR A 327 14.40 -23.08 2.14
C TYR A 327 13.64 -23.23 0.84
N LEU A 328 13.74 -24.38 0.17
CA LEU A 328 12.91 -24.61 -1.00
C LEU A 328 11.42 -24.68 -0.66
N GLU A 329 11.05 -24.93 0.60
CA GLU A 329 9.63 -24.78 0.97
C GLU A 329 9.11 -23.41 0.58
N ASN A 330 9.89 -22.36 0.85
CA ASN A 330 9.45 -21.01 0.56
C ASN A 330 9.53 -20.70 -0.94
N VAL A 331 10.60 -21.15 -1.62
CA VAL A 331 10.69 -20.96 -3.05
C VAL A 331 9.44 -21.48 -3.74
N HIS A 332 9.09 -22.74 -3.46
CA HIS A 332 7.91 -23.31 -4.10
C HIS A 332 6.66 -22.52 -3.72
N PHE A 333 6.66 -21.91 -2.55
CA PHE A 333 5.54 -21.04 -2.19
C PHE A 333 5.54 -19.75 -3.02
N TYR A 334 6.70 -19.10 -3.18
CA TYR A 334 6.76 -17.91 -4.04
C TYR A 334 6.34 -18.25 -5.46
N ASP A 335 6.71 -19.45 -5.93
CA ASP A 335 6.36 -19.86 -7.29
C ASP A 335 4.85 -20.01 -7.45
N SER A 336 4.20 -20.67 -6.50
CA SER A 336 2.75 -20.80 -6.64
C SER A 336 2.06 -19.46 -6.48
N MET A 337 2.68 -18.52 -5.76
CA MET A 337 2.12 -17.17 -5.70
C MET A 337 2.07 -16.54 -7.08
N PHE A 338 3.12 -16.71 -7.88
CA PHE A 338 3.07 -16.09 -9.19
C PHE A 338 2.17 -16.86 -10.15
N LYS A 339 2.08 -18.18 -10.02
CA LYS A 339 1.13 -18.92 -10.85
C LYS A 339 -0.31 -18.52 -10.52
N HIS A 340 -0.59 -18.29 -9.24
CA HIS A 340 -1.88 -17.76 -8.87
C HIS A 340 -2.11 -16.35 -9.44
N ILE A 341 -1.10 -15.47 -9.38
CA ILE A 341 -1.25 -14.14 -9.96
C ILE A 341 -1.57 -14.24 -11.45
N PHE A 342 -0.78 -15.04 -12.18
CA PHE A 342 -1.02 -15.19 -13.62
C PHE A 342 -2.42 -15.73 -13.89
N THR A 343 -2.84 -16.72 -13.10
CA THR A 343 -4.15 -17.33 -13.30
C THR A 343 -5.28 -16.32 -13.10
N GLU A 344 -5.20 -15.53 -12.03
CA GLU A 344 -6.24 -14.55 -11.75
C GLU A 344 -6.24 -13.42 -12.78
N LEU A 345 -5.06 -12.94 -13.18
CA LEU A 345 -5.01 -11.91 -14.22
C LEU A 345 -5.67 -12.37 -15.51
N SER A 346 -5.60 -13.67 -15.81
CA SER A 346 -6.09 -14.25 -17.05
C SER A 346 -7.51 -14.84 -16.92
N LYS A 347 -8.23 -14.53 -15.86
CA LYS A 347 -9.53 -15.14 -15.59
C LYS A 347 -10.60 -14.08 -15.39
N GLY A 348 -11.74 -14.28 -16.03
CA GLY A 348 -12.89 -13.46 -15.70
C GLY A 348 -13.13 -12.35 -16.69
N GLY A 349 -14.36 -11.83 -16.66
CA GLY A 349 -14.76 -10.80 -17.60
C GLY A 349 -13.96 -9.53 -17.46
N LYS A 350 -13.86 -9.00 -16.24
CA LYS A 350 -13.21 -7.71 -16.03
C LYS A 350 -11.75 -7.73 -16.49
N ASN A 351 -10.95 -8.66 -15.96
CA ASN A 351 -9.56 -8.74 -16.38
C ASN A 351 -9.44 -9.05 -17.87
N GLU A 352 -10.36 -9.84 -18.43
CA GLU A 352 -10.29 -10.13 -19.85
C GLU A 352 -10.43 -8.86 -20.68
N MET A 353 -11.36 -7.98 -20.27
CA MET A 353 -11.60 -6.77 -21.04
C MET A 353 -10.46 -5.77 -20.91
N LEU A 354 -9.87 -5.66 -19.71
CA LEU A 354 -8.74 -4.75 -19.52
C LEU A 354 -7.57 -5.15 -20.41
N ILE A 355 -7.22 -6.43 -20.42
CA ILE A 355 -6.11 -6.90 -21.24
C ILE A 355 -6.40 -6.69 -22.72
N LYS A 356 -7.63 -7.01 -23.15
CA LYS A 356 -7.97 -6.82 -24.56
C LYS A 356 -7.85 -5.36 -24.97
N THR A 357 -8.21 -4.43 -24.07
CA THR A 357 -8.13 -3.01 -24.38
C THR A 357 -6.67 -2.55 -24.47
N VAL A 358 -5.81 -3.05 -23.58
CA VAL A 358 -4.38 -2.79 -23.72
C VAL A 358 -3.88 -3.31 -25.06
N LYS A 359 -4.24 -4.55 -25.37
CA LYS A 359 -3.73 -5.22 -26.56
C LYS A 359 -4.21 -4.55 -27.83
N GLY A 360 -5.38 -3.91 -27.79
CA GLY A 360 -5.86 -3.17 -28.97
C GLY A 360 -4.86 -2.14 -29.47
N GLN A 361 -4.18 -1.46 -28.53
CA GLN A 361 -3.18 -0.49 -28.92
C GLN A 361 -1.76 -1.03 -28.88
N TYR A 362 -1.47 -1.98 -27.98
CA TYR A 362 -0.12 -2.52 -27.81
C TYR A 362 -0.17 -4.05 -27.94
N PRO A 363 -0.33 -4.56 -29.16
CA PRO A 363 -0.51 -6.01 -29.32
C PRO A 363 0.71 -6.79 -28.83
N CYS A 364 0.43 -7.99 -28.33
CA CYS A 364 1.48 -8.87 -27.87
C CYS A 364 0.87 -10.22 -27.55
N GLU A 365 1.62 -11.29 -27.84
CA GLU A 365 1.18 -12.64 -27.58
C GLU A 365 0.82 -12.82 -26.10
N ASP A 366 -0.31 -13.50 -25.84
CA ASP A 366 -0.71 -13.79 -24.46
C ASP A 366 0.42 -14.43 -23.66
N PHE A 367 0.54 -14.01 -22.41
CA PHE A 367 1.58 -14.53 -21.53
C PHE A 367 1.31 -15.99 -21.22
N GLN A 368 2.34 -16.84 -21.36
CA GLN A 368 2.23 -18.27 -21.16
C GLN A 368 3.02 -18.74 -19.94
N TRP A 369 2.48 -19.70 -19.20
CA TRP A 369 3.23 -20.38 -18.16
C TRP A 369 2.78 -21.84 -18.07
N LEU A 370 3.47 -22.61 -17.23
CA LEU A 370 3.29 -24.06 -17.16
C LEU A 370 2.67 -24.46 -15.82
N GLU A 371 2.18 -25.70 -15.78
CA GLU A 371 1.75 -26.26 -14.49
C GLU A 371 2.93 -26.56 -13.60
N GLU A 372 4.08 -26.92 -14.18
CA GLU A 372 5.32 -27.08 -13.44
C GLU A 372 6.34 -26.07 -13.97
N THR A 373 6.74 -25.14 -13.12
CA THR A 373 7.64 -24.07 -13.54
C THR A 373 9.05 -24.61 -13.72
N PRO A 374 9.69 -24.39 -14.87
CA PRO A 374 11.06 -24.90 -15.04
C PRO A 374 12.01 -24.19 -14.08
N ILE A 375 12.92 -24.95 -13.49
CA ILE A 375 13.95 -24.43 -12.60
C ILE A 375 15.29 -24.86 -13.13
N PHE A 376 16.21 -23.91 -13.25
CA PHE A 376 17.56 -24.16 -13.72
C PHE A 376 18.54 -23.59 -12.72
N THR A 377 19.63 -24.31 -12.46
CA THR A 377 20.71 -23.70 -11.71
C THR A 377 21.41 -22.67 -12.57
N TYR A 378 22.03 -21.68 -11.92
CA TYR A 378 22.90 -20.77 -12.63
C TYR A 378 23.89 -21.53 -13.50
N GLU A 379 24.52 -22.55 -12.93
CA GLU A 379 25.47 -23.35 -13.69
C GLU A 379 24.82 -24.02 -14.91
N GLU A 380 23.58 -24.50 -14.77
CA GLU A 380 22.91 -25.11 -15.92
C GLU A 380 22.60 -24.06 -16.98
N ALA A 381 22.19 -22.87 -16.55
CA ALA A 381 21.83 -21.83 -17.50
C ALA A 381 23.02 -21.46 -18.38
N ILE A 382 24.18 -21.27 -17.76
CA ILE A 382 25.39 -20.95 -18.53
C ILE A 382 25.63 -22.01 -19.60
N LYS A 383 25.52 -23.29 -19.23
CA LYS A 383 25.85 -24.37 -20.15
C LYS A 383 24.85 -24.45 -21.30
N MET A 384 23.58 -24.17 -21.01
CA MET A 384 22.61 -24.00 -22.09
C MET A 384 23.02 -22.89 -23.04
N LEU A 385 23.51 -21.76 -22.49
CA LEU A 385 23.91 -20.64 -23.33
C LEU A 385 25.16 -20.96 -24.13
N ILE A 386 26.17 -21.55 -23.49
CA ILE A 386 27.35 -22.01 -24.22
C ILE A 386 26.95 -22.99 -25.31
N GLN A 387 25.96 -23.84 -25.02
CA GLN A 387 25.60 -24.88 -25.98
C GLN A 387 24.85 -24.31 -27.17
N HIS A 388 24.04 -23.26 -26.95
CA HIS A 388 23.33 -22.62 -28.06
C HIS A 388 24.18 -21.57 -28.77
N GLY A 389 25.46 -21.44 -28.42
CA GLY A 389 26.34 -20.53 -29.14
C GLY A 389 26.17 -19.06 -28.80
N LYS A 390 25.44 -18.73 -27.74
CA LYS A 390 25.23 -17.35 -27.33
C LYS A 390 26.29 -16.86 -26.35
N LEU A 391 27.13 -17.75 -25.84
CA LEU A 391 28.07 -17.39 -24.79
C LEU A 391 29.34 -18.21 -24.97
N HIS A 392 30.49 -17.59 -24.71
CA HIS A 392 31.78 -18.25 -24.84
C HIS A 392 32.63 -17.86 -23.64
N LEU A 393 33.07 -18.87 -22.89
CA LEU A 393 33.84 -18.68 -21.65
C LEU A 393 34.95 -19.72 -21.57
N LYS A 394 36.11 -19.31 -21.05
CA LYS A 394 37.17 -20.26 -20.76
C LYS A 394 36.82 -21.09 -19.52
N GLU A 395 37.07 -22.40 -19.59
CA GLU A 395 36.59 -23.34 -18.57
C GLU A 395 37.00 -22.95 -17.15
N GLU A 396 38.01 -22.10 -16.99
CA GLU A 396 38.35 -21.58 -15.68
C GLU A 396 37.38 -20.48 -15.24
N GLU A 397 37.12 -19.51 -16.12
CA GLU A 397 36.39 -18.28 -15.77
C GLU A 397 34.86 -18.42 -15.79
N ILE A 398 34.31 -19.54 -15.32
CA ILE A 398 32.86 -19.73 -15.30
C ILE A 398 32.26 -19.25 -13.98
N LEU A 399 32.87 -19.61 -12.86
CA LEU A 399 32.29 -19.23 -11.57
C LEU A 399 32.17 -17.72 -11.44
N ALA A 400 33.20 -16.99 -11.88
CA ALA A 400 33.19 -15.53 -11.76
C ALA A 400 32.30 -14.84 -12.79
N TYR A 401 31.64 -15.58 -13.68
CA TYR A 401 30.87 -14.94 -14.74
C TYR A 401 29.60 -14.31 -14.18
N ASP A 402 29.33 -13.08 -14.60
CA ASP A 402 28.20 -12.28 -14.15
C ASP A 402 27.25 -12.10 -15.33
N MET A 403 26.18 -12.89 -15.38
CA MET A 403 25.35 -12.92 -16.57
C MET A 403 24.72 -11.55 -16.82
N SER A 404 24.90 -11.05 -18.04
CA SER A 404 24.34 -9.76 -18.42
C SER A 404 22.82 -9.83 -18.55
N THR A 405 22.23 -8.64 -18.60
CA THR A 405 20.78 -8.50 -18.81
C THR A 405 20.37 -8.91 -20.21
N ASP A 406 21.17 -8.53 -21.23
CA ASP A 406 20.92 -9.00 -22.58
C ASP A 406 21.00 -10.52 -22.67
N MET A 407 21.93 -11.12 -21.95
CA MET A 407 22.12 -12.57 -22.01
C MET A 407 20.96 -13.29 -21.35
N GLU A 408 20.50 -12.79 -20.20
CA GLU A 408 19.29 -13.33 -19.57
C GLU A 408 18.12 -13.33 -20.54
N LYS A 409 18.07 -12.37 -21.47
CA LYS A 409 17.00 -12.35 -22.47
C LYS A 409 17.23 -13.41 -23.54
N GLU A 410 18.49 -13.67 -23.88
CA GLU A 410 18.80 -14.79 -24.76
C GLU A 410 18.40 -16.12 -24.12
N LEU A 411 18.61 -16.24 -22.81
CA LEU A 411 18.19 -17.45 -22.11
C LEU A 411 16.67 -17.61 -22.18
N GLY A 412 15.94 -16.51 -22.10
CA GLY A 412 14.49 -16.59 -22.16
C GLY A 412 13.99 -17.07 -23.51
N LYS A 413 14.63 -16.62 -24.59
CA LYS A 413 14.25 -17.10 -25.93
C LYS A 413 14.41 -18.60 -26.03
N ILE A 414 15.53 -19.11 -25.50
CA ILE A 414 15.82 -20.54 -25.54
C ILE A 414 14.74 -21.31 -24.78
N VAL A 415 14.44 -20.88 -23.56
CA VAL A 415 13.50 -21.61 -22.73
C VAL A 415 12.08 -21.50 -23.28
N LYS A 416 11.76 -20.37 -23.93
CA LYS A 416 10.47 -20.25 -24.60
C LYS A 416 10.34 -21.29 -25.71
N ALA A 417 11.44 -21.54 -26.44
CA ALA A 417 11.38 -22.46 -27.57
C ALA A 417 11.34 -23.92 -27.11
N SER A 418 12.10 -24.26 -26.06
CA SER A 418 12.22 -25.64 -25.63
C SER A 418 11.22 -26.02 -24.55
N HIS A 419 10.65 -25.06 -23.81
CA HIS A 419 9.66 -25.37 -22.80
C HIS A 419 8.33 -24.66 -22.99
N HIS A 420 8.22 -23.78 -23.99
CA HIS A 420 6.94 -23.13 -24.31
C HIS A 420 6.36 -22.40 -23.10
N THR A 421 7.20 -21.57 -22.47
CA THR A 421 6.74 -20.76 -21.35
C THR A 421 7.50 -19.44 -21.33
N ASP A 422 6.85 -18.42 -20.77
CA ASP A 422 7.47 -17.13 -20.52
C ASP A 422 7.95 -16.97 -19.08
N TYR A 423 7.87 -18.01 -18.26
CA TYR A 423 8.09 -17.89 -16.82
C TYR A 423 8.92 -19.06 -16.35
N TYR A 424 10.08 -18.79 -15.74
CA TYR A 424 10.96 -19.84 -15.24
C TYR A 424 11.80 -19.26 -14.10
N ILE A 425 12.54 -20.15 -13.44
CA ILE A 425 13.30 -19.83 -12.23
C ILE A 425 14.77 -20.20 -12.42
N ILE A 426 15.67 -19.36 -11.91
CA ILE A 426 17.09 -19.67 -11.79
C ILE A 426 17.48 -19.62 -10.32
N ILE A 427 18.19 -20.67 -9.86
CA ILE A 427 18.60 -20.81 -8.47
C ILE A 427 20.11 -21.02 -8.40
N ASN A 428 20.65 -20.91 -7.19
CA ASN A 428 22.04 -21.22 -6.89
C ASN A 428 23.01 -20.30 -7.64
N PHE A 429 22.88 -18.99 -7.42
CA PHE A 429 23.85 -18.05 -7.95
C PHE A 429 25.16 -18.12 -7.15
N PRO A 430 26.30 -17.81 -7.78
CA PRO A 430 27.56 -17.72 -7.03
C PRO A 430 27.47 -16.68 -5.91
N SER A 431 27.89 -17.08 -4.72
CA SER A 431 27.84 -16.18 -3.56
C SER A 431 28.48 -14.82 -3.82
N ALA A 432 29.55 -14.77 -4.62
CA ALA A 432 30.21 -13.47 -4.83
C ALA A 432 29.35 -12.51 -5.64
N LEU A 433 28.33 -13.01 -6.34
CA LEU A 433 27.46 -12.15 -7.12
C LEU A 433 26.20 -11.72 -6.39
N ARG A 434 26.01 -12.18 -5.14
CA ARG A 434 24.81 -11.90 -4.37
C ARG A 434 25.11 -11.06 -3.12
N PRO A 435 24.08 -10.45 -2.52
CA PRO A 435 24.29 -9.57 -1.37
C PRO A 435 24.76 -10.32 -0.12
N PHE A 436 25.23 -9.52 0.85
CA PHE A 436 25.90 -10.07 2.02
C PHE A 436 24.98 -10.90 2.92
N TYR A 437 23.67 -10.67 2.87
CA TYR A 437 22.76 -11.43 3.72
C TYR A 437 22.40 -12.79 3.14
N THR A 438 22.89 -13.12 1.95
CA THR A 438 22.55 -14.35 1.26
C THR A 438 23.29 -15.53 1.89
N MET A 439 22.54 -16.54 2.35
CA MET A 439 23.18 -17.75 2.85
C MET A 439 23.83 -18.51 1.70
N TYR A 440 25.07 -18.95 1.91
CA TYR A 440 25.78 -19.82 1.00
C TYR A 440 25.59 -21.28 1.40
N LYS A 441 25.93 -22.18 0.49
CA LYS A 441 25.89 -23.60 0.80
C LYS A 441 27.04 -23.97 1.74
N GLU A 442 26.68 -24.58 2.88
CA GLU A 442 27.67 -24.96 3.89
C GLU A 442 28.86 -25.70 3.27
N ASP A 443 28.59 -26.71 2.45
CA ASP A 443 29.62 -27.58 1.91
C ASP A 443 30.15 -27.12 0.55
N GLU A 444 29.77 -25.94 0.10
CA GLU A 444 30.25 -25.42 -1.18
C GLU A 444 30.15 -23.90 -1.17
N PRO A 445 30.93 -23.24 -0.32
CA PRO A 445 30.64 -21.84 0.02
C PRO A 445 30.58 -20.89 -1.16
N ALA A 446 31.12 -21.25 -2.32
CA ALA A 446 31.05 -20.37 -3.47
C ALA A 446 29.67 -20.32 -4.10
N ILE A 447 28.80 -21.29 -3.79
CA ILE A 447 27.43 -21.32 -4.30
C ILE A 447 26.50 -20.84 -3.20
N SER A 448 25.49 -20.05 -3.58
CA SER A 448 24.53 -19.50 -2.63
C SER A 448 23.14 -20.09 -2.85
N ASN A 449 22.31 -20.02 -1.81
CA ASN A 449 20.91 -20.46 -1.87
C ASN A 449 20.01 -19.25 -2.20
N SER A 450 20.09 -18.83 -3.46
CA SER A 450 19.46 -17.63 -3.96
C SER A 450 18.68 -17.96 -5.23
N TYR A 451 17.86 -17.02 -5.70
CA TYR A 451 16.94 -17.33 -6.79
C TYR A 451 16.42 -16.05 -7.44
N ASP A 452 16.26 -16.09 -8.76
CA ASP A 452 15.57 -15.06 -9.53
C ASP A 452 14.45 -15.71 -10.34
N PHE A 453 13.30 -15.04 -10.44
CA PHE A 453 12.23 -15.47 -11.31
C PHE A 453 12.26 -14.58 -12.55
N PHE A 454 11.82 -15.11 -13.69
CA PHE A 454 11.87 -14.36 -14.92
C PHE A 454 10.52 -14.38 -15.63
N MET A 455 10.17 -13.26 -16.26
CA MET A 455 9.01 -13.17 -17.12
C MET A 455 9.48 -12.62 -18.45
N ARG A 456 9.16 -13.33 -19.54
CA ARG A 456 9.67 -12.99 -20.88
C ARG A 456 11.17 -12.70 -20.85
N GLY A 457 11.93 -13.54 -20.13
CA GLY A 457 13.37 -13.40 -20.13
C GLY A 457 13.94 -12.26 -19.29
N GLU A 458 13.15 -11.64 -18.42
CA GLU A 458 13.63 -10.48 -17.66
C GLU A 458 13.28 -10.63 -16.19
N GLU A 459 14.18 -10.20 -15.32
CA GLU A 459 14.07 -10.52 -13.92
C GLU A 459 12.90 -9.75 -13.29
N ILE A 460 12.01 -10.48 -12.59
CA ILE A 460 10.92 -9.86 -11.85
C ILE A 460 11.09 -9.99 -10.35
N LEU A 461 11.81 -11.01 -9.87
CA LEU A 461 11.92 -11.30 -8.45
C LEU A 461 13.35 -11.72 -8.15
N SER A 462 13.81 -11.37 -6.96
CA SER A 462 15.12 -11.76 -6.47
C SER A 462 15.01 -12.00 -4.96
N GLY A 463 15.60 -13.10 -4.49
CA GLY A 463 15.50 -13.39 -3.07
C GLY A 463 16.54 -14.40 -2.67
N SER A 464 16.48 -14.81 -1.40
CA SER A 464 17.40 -15.87 -0.97
C SER A 464 17.05 -16.36 0.43
N GLN A 465 17.52 -17.58 0.74
CA GLN A 465 17.71 -17.99 2.13
C GLN A 465 18.64 -17.03 2.83
N ARG A 466 18.29 -16.64 4.05
CA ARG A 466 19.08 -15.65 4.76
C ARG A 466 20.08 -16.31 5.69
N ILE A 467 21.16 -15.60 5.96
CA ILE A 467 22.03 -16.03 7.04
C ILE A 467 21.34 -15.66 8.35
N SER A 468 21.04 -16.67 9.15
CA SER A 468 20.33 -16.46 10.42
C SER A 468 21.18 -16.87 11.61
N ASP A 469 22.50 -16.81 11.46
CA ASP A 469 23.45 -17.10 12.53
C ASP A 469 24.32 -15.85 12.71
N VAL A 470 24.28 -15.28 13.91
CA VAL A 470 24.90 -13.97 14.11
C VAL A 470 26.36 -14.01 13.73
N ASN A 471 27.06 -15.09 14.08
CA ASN A 471 28.50 -15.15 13.83
C ASN A 471 28.79 -15.30 12.35
N LEU A 472 28.08 -16.21 11.67
CA LEU A 472 28.18 -16.26 10.21
C LEU A 472 27.91 -14.89 9.60
N LEU A 473 26.84 -14.23 10.04
CA LEU A 473 26.52 -12.92 9.47
C LEU A 473 27.68 -11.97 9.66
N LEU A 474 28.24 -11.93 10.86
CA LEU A 474 29.41 -11.08 11.10
C LEU A 474 30.55 -11.43 10.16
N GLU A 475 30.78 -12.71 9.93
CA GLU A 475 31.88 -13.11 9.05
C GLU A 475 31.61 -12.65 7.63
N ASN A 476 30.40 -12.91 7.13
CA ASN A 476 30.09 -12.53 5.75
C ASN A 476 30.08 -11.01 5.56
N ILE A 477 29.78 -10.25 6.62
CA ILE A 477 29.84 -8.79 6.52
C ILE A 477 31.28 -8.32 6.42
N LYS A 478 32.15 -8.85 7.27
CA LYS A 478 33.58 -8.61 7.12
C LYS A 478 34.05 -9.00 5.74
N ARG A 479 33.69 -10.21 5.30
CA ARG A 479 34.11 -10.74 4.00
C ARG A 479 33.65 -9.88 2.83
N PHE A 480 32.66 -9.02 3.02
CA PHE A 480 32.21 -8.09 1.98
C PHE A 480 32.76 -6.68 2.18
N ASN A 481 33.70 -6.49 3.09
CA ASN A 481 34.31 -5.18 3.36
C ASN A 481 33.25 -4.16 3.76
N LEU A 482 32.33 -4.58 4.62
CA LEU A 482 31.24 -3.74 5.09
C LEU A 482 31.46 -3.36 6.55
N ASP A 483 30.88 -2.23 6.95
CA ASP A 483 31.08 -1.67 8.27
C ASP A 483 30.02 -2.22 9.20
N ALA A 484 30.40 -3.20 10.02
CA ALA A 484 29.44 -3.78 10.95
C ALA A 484 28.90 -2.76 11.94
N ASN A 485 29.60 -1.63 12.12
CA ASN A 485 29.13 -0.62 13.07
C ASN A 485 27.87 0.08 12.56
N LYS A 486 27.82 0.37 11.26
CA LYS A 486 26.63 1.00 10.69
C LYS A 486 25.47 0.03 10.54
N LEU A 487 25.67 -1.26 10.84
CA LEU A 487 24.63 -2.28 10.71
C LEU A 487 24.26 -2.90 12.05
N ASN A 488 24.71 -2.35 13.17
CA ASN A 488 24.62 -3.13 14.40
C ASN A 488 23.19 -3.27 14.88
N PHE A 489 22.34 -2.25 14.67
CA PHE A 489 20.94 -2.45 14.98
C PHE A 489 20.41 -3.70 14.28
N TYR A 490 20.80 -3.90 13.03
CA TYR A 490 20.36 -5.05 12.25
C TYR A 490 21.06 -6.32 12.72
N ILE A 491 22.39 -6.28 12.86
CA ILE A 491 23.14 -7.42 13.34
C ILE A 491 22.62 -7.88 14.69
N ASP A 492 22.45 -6.93 15.61
CA ASP A 492 22.02 -7.26 16.96
C ASP A 492 20.63 -7.89 16.98
N SER A 493 19.82 -7.68 15.95
CA SER A 493 18.51 -8.33 15.93
C SER A 493 18.60 -9.84 15.75
N PHE A 494 19.79 -10.35 15.39
CA PHE A 494 20.02 -11.78 15.24
C PHE A 494 20.62 -12.41 16.50
N ALA A 495 20.94 -11.62 17.53
CA ALA A 495 21.73 -12.09 18.65
C ALA A 495 20.91 -12.65 19.80
N TYR A 496 19.58 -12.67 19.69
CA TYR A 496 18.71 -13.32 20.67
C TYR A 496 17.92 -14.42 19.99
N SER A 497 18.61 -15.15 19.11
CA SER A 497 18.10 -16.25 18.29
C SER A 497 17.49 -15.73 17.00
N SER A 498 17.32 -16.61 16.02
CA SER A 498 16.86 -16.24 14.69
C SER A 498 16.31 -17.48 14.01
N TYR A 499 15.03 -17.44 13.63
CA TYR A 499 14.44 -18.55 12.90
C TYR A 499 15.10 -18.65 11.52
N PRO A 500 15.11 -19.85 10.93
CA PRO A 500 15.50 -19.95 9.52
C PRO A 500 14.47 -19.23 8.68
N HIS A 501 14.93 -18.37 7.78
CA HIS A 501 13.98 -17.62 7.00
C HIS A 501 14.57 -17.28 5.64
N SER A 502 13.68 -16.87 4.74
CA SER A 502 14.04 -16.40 3.41
C SER A 502 13.10 -15.26 3.03
N GLY A 503 13.33 -14.67 1.86
CA GLY A 503 12.49 -13.59 1.39
C GLY A 503 12.74 -13.31 -0.07
N CYS A 504 11.99 -12.34 -0.59
CA CYS A 504 12.16 -11.93 -1.98
C CYS A 504 11.64 -10.52 -2.15
N GLY A 505 12.12 -9.86 -3.19
CA GLY A 505 11.62 -8.55 -3.56
C GLY A 505 11.23 -8.53 -5.02
N ILE A 506 10.14 -7.82 -5.32
CA ILE A 506 9.48 -7.85 -6.61
C ILE A 506 9.16 -6.44 -7.09
N GLY A 507 9.42 -6.17 -8.38
CA GLY A 507 9.02 -4.92 -8.98
C GLY A 507 7.60 -4.97 -9.52
N LEU A 508 6.68 -4.22 -8.90
CA LEU A 508 5.30 -4.20 -9.36
C LEU A 508 5.21 -3.77 -10.81
N GLU A 509 5.77 -2.59 -11.13
CA GLU A 509 5.70 -2.06 -12.48
C GLU A 509 6.34 -3.02 -13.47
N ARG A 510 7.44 -3.66 -13.10
CA ARG A 510 8.10 -4.59 -14.01
C ARG A 510 7.25 -5.83 -14.27
N VAL A 511 6.56 -6.36 -13.24
CA VAL A 511 5.68 -7.50 -13.45
C VAL A 511 4.57 -7.15 -14.44
N LEU A 512 3.98 -5.95 -14.29
CA LEU A 512 2.91 -5.53 -15.18
C LEU A 512 3.42 -5.30 -16.61
N MET A 513 4.58 -4.64 -16.75
CA MET A 513 5.12 -4.37 -18.09
C MET A 513 5.39 -5.67 -18.84
N LEU A 514 5.96 -6.66 -18.14
CA LEU A 514 6.39 -7.91 -18.78
C LEU A 514 5.24 -8.88 -19.01
N PHE A 515 4.24 -8.88 -18.13
CA PHE A 515 3.02 -9.64 -18.42
C PHE A 515 2.39 -9.19 -19.73
N LEU A 516 2.31 -7.88 -19.96
CA LEU A 516 1.69 -7.34 -21.17
C LEU A 516 2.66 -7.15 -22.33
N GLY A 517 3.97 -7.30 -22.11
CA GLY A 517 4.90 -7.13 -23.21
C GLY A 517 5.14 -5.72 -23.66
N LEU A 518 4.89 -4.73 -22.81
CA LEU A 518 5.07 -3.34 -23.15
C LEU A 518 6.56 -3.00 -23.29
N ASN A 519 6.86 -1.94 -24.04
CA ASN A 519 8.23 -1.69 -24.44
C ASN A 519 9.01 -0.85 -23.45
N ASN A 520 8.38 -0.33 -22.38
CA ASN A 520 9.04 0.65 -21.53
C ASN A 520 8.40 0.65 -20.16
N ILE A 521 9.24 0.64 -19.11
CA ILE A 521 8.76 0.66 -17.72
C ILE A 521 7.92 1.92 -17.45
N ARG A 522 8.18 3.01 -18.19
CA ARG A 522 7.41 4.22 -17.98
C ARG A 522 5.94 4.02 -18.35
N LYS A 523 5.59 2.95 -19.06
CA LYS A 523 4.18 2.71 -19.35
C LYS A 523 3.41 2.14 -18.17
N THR A 524 4.10 1.59 -17.15
CA THR A 524 3.40 0.96 -16.03
C THR A 524 3.65 1.67 -14.71
N SER A 525 4.17 2.89 -14.75
CA SER A 525 4.36 3.72 -13.57
C SER A 525 3.58 5.01 -13.77
N LEU A 526 2.71 5.34 -12.81
CA LEU A 526 1.78 6.46 -12.98
C LEU A 526 2.50 7.75 -13.32
N PHE A 527 3.47 8.14 -12.50
CA PHE A 527 4.27 9.34 -12.77
C PHE A 527 5.75 8.97 -12.65
N PRO A 528 6.33 8.42 -13.71
CA PRO A 528 7.66 7.82 -13.60
C PRO A 528 8.72 8.82 -13.15
N ARG A 529 9.68 8.30 -12.38
CA ARG A 529 10.87 9.03 -11.97
C ARG A 529 12.09 8.41 -12.65
N ASP A 530 12.80 9.18 -13.47
CA ASP A 530 14.11 8.72 -13.94
C ASP A 530 15.09 9.88 -13.76
N PRO A 531 16.37 9.70 -14.09
CA PRO A 531 17.36 10.74 -13.74
C PRO A 531 17.14 12.07 -14.45
N LYS A 532 16.37 12.11 -15.54
CA LYS A 532 16.02 13.37 -16.18
C LYS A 532 14.61 13.85 -15.84
N ARG A 533 13.78 13.04 -15.17
CA ARG A 533 12.36 13.36 -14.95
C ARG A 533 12.05 13.38 -13.45
N LEU A 534 11.83 14.57 -12.92
CA LEU A 534 11.32 14.79 -11.58
C LEU A 534 9.89 15.34 -11.61
N ILE A 535 9.34 15.58 -12.80
CA ILE A 535 8.09 16.28 -13.03
C ILE A 535 7.40 15.59 -14.19
N PRO A 536 6.08 15.39 -14.18
CA PRO A 536 5.10 15.72 -13.13
C PRO A 536 5.35 14.92 -11.84
N ASN B 8 36.27 -28.94 32.15
CA ASN B 8 36.11 -29.17 30.71
C ASN B 8 35.17 -30.34 30.45
N GLU B 9 35.12 -31.28 31.39
CA GLU B 9 34.20 -32.40 31.24
C GLU B 9 32.75 -31.94 31.31
N ALA B 10 32.42 -31.12 32.31
CA ALA B 10 31.05 -30.61 32.41
C ALA B 10 30.76 -29.55 31.37
N THR B 11 31.79 -28.89 30.84
CA THR B 11 31.57 -27.94 29.75
C THR B 11 31.19 -28.66 28.47
N LYS B 12 31.85 -29.79 28.18
CA LYS B 12 31.55 -30.51 26.94
C LYS B 12 30.10 -30.97 26.90
N VAL B 13 29.49 -31.23 28.06
CA VAL B 13 28.09 -31.68 28.07
C VAL B 13 27.13 -30.50 27.88
N LEU B 14 27.48 -29.32 28.39
CA LEU B 14 26.61 -28.16 28.23
C LEU B 14 26.65 -27.60 26.82
N GLU B 15 27.81 -27.73 26.15
CA GLU B 15 27.97 -27.27 24.77
C GLU B 15 27.82 -28.42 23.77
N HIS B 16 27.10 -29.46 24.15
CA HIS B 16 27.03 -30.69 23.40
C HIS B 16 26.33 -30.48 22.06
N VAL B 17 27.02 -30.79 20.96
CA VAL B 17 26.45 -30.77 19.62
C VAL B 17 26.10 -32.19 19.21
N CYS B 18 24.86 -32.41 18.80
CA CYS B 18 24.35 -33.73 18.47
C CYS B 18 24.55 -34.01 16.98
N GLU B 19 25.22 -35.12 16.66
CA GLU B 19 25.56 -35.46 15.29
C GLU B 19 24.62 -36.46 14.65
N ASP B 20 23.60 -36.93 15.38
CA ASP B 20 22.62 -37.86 14.82
C ASP B 20 21.37 -37.81 15.69
N ILE B 21 20.28 -37.27 15.15
CA ILE B 21 19.08 -37.04 15.96
C ILE B 21 18.44 -38.36 16.37
N ASN B 22 18.51 -39.39 15.53
CA ASN B 22 17.76 -40.62 15.79
C ASN B 22 18.15 -41.25 17.13
N LYS B 23 19.38 -41.03 17.59
CA LYS B 23 19.91 -41.73 18.74
C LYS B 23 20.74 -40.78 19.62
N GLU B 24 20.10 -39.72 20.11
CA GLU B 24 20.76 -38.88 21.11
C GLU B 24 19.76 -38.27 22.10
N SER B 25 18.74 -37.58 21.61
CA SER B 25 17.63 -37.00 22.37
C SER B 25 17.89 -35.57 22.83
N TYR B 26 19.10 -35.02 22.63
CA TYR B 26 19.35 -33.66 23.06
C TYR B 26 20.66 -33.18 22.45
N GLY B 27 20.78 -31.87 22.28
CA GLY B 27 21.98 -31.26 21.74
C GLY B 27 21.66 -30.17 20.74
N PHE B 28 22.64 -29.29 20.53
CA PHE B 28 22.57 -28.34 19.43
C PHE B 28 22.75 -29.07 18.10
N VAL B 29 21.95 -28.70 17.12
CA VAL B 29 21.94 -29.42 15.85
C VAL B 29 21.68 -28.44 14.71
N LYS B 30 22.42 -28.61 13.63
CA LYS B 30 22.21 -27.85 12.41
C LYS B 30 20.91 -28.29 11.74
N ILE B 31 20.39 -27.41 10.88
CA ILE B 31 19.12 -27.71 10.21
C ILE B 31 19.27 -28.86 9.24
N SER B 32 20.44 -29.01 8.61
CA SER B 32 20.63 -30.06 7.62
C SER B 32 20.60 -31.45 8.26
N LYS B 33 21.23 -31.62 9.43
CA LYS B 33 21.19 -32.89 10.16
C LYS B 33 19.91 -32.95 10.99
N MET B 34 18.78 -33.11 10.28
CA MET B 34 17.47 -33.12 10.93
C MET B 34 16.46 -34.00 10.18
N LYS B 35 16.92 -35.00 9.45
CA LYS B 35 16.05 -35.91 8.72
C LYS B 35 16.03 -37.27 9.40
N GLU B 36 14.98 -38.04 9.11
CA GLU B 36 14.87 -39.39 9.68
C GLU B 36 14.73 -40.45 8.61
N GLU B 40 12.28 -36.37 7.10
CA GLU B 40 11.94 -35.06 7.67
C GLU B 40 10.74 -35.16 8.61
N ILE B 41 10.85 -34.47 9.75
CA ILE B 41 9.76 -34.47 10.73
C ILE B 41 8.55 -33.71 10.20
N ARG B 42 7.40 -33.96 10.81
CA ARG B 42 6.18 -33.18 10.57
C ARG B 42 6.07 -32.13 11.68
N LEU B 43 6.55 -30.92 11.39
CA LEU B 43 6.74 -29.90 12.41
C LEU B 43 5.49 -29.04 12.57
N PHE B 44 5.15 -28.73 13.83
CA PHE B 44 4.02 -27.90 14.19
C PHE B 44 4.51 -26.64 14.89
N ASN B 45 3.67 -25.60 14.86
CA ASN B 45 3.88 -24.41 15.67
C ASN B 45 2.71 -24.24 16.62
N LEU B 46 2.89 -23.35 17.60
CA LEU B 46 1.91 -23.23 18.67
C LEU B 46 0.60 -22.61 18.20
N GLU B 47 0.60 -21.94 17.04
CA GLU B 47 -0.66 -21.43 16.48
C GLU B 47 -1.51 -22.57 15.93
N GLU B 48 -0.89 -23.53 15.22
CA GLU B 48 -1.63 -24.70 14.77
C GLU B 48 -2.13 -25.50 15.96
N ILE B 49 -1.28 -25.69 16.98
CA ILE B 49 -1.70 -26.37 18.20
C ILE B 49 -2.92 -25.66 18.80
N TYR B 50 -2.81 -24.35 19.03
CA TYR B 50 -3.88 -23.61 19.70
C TYR B 50 -5.19 -23.71 18.94
N HIS B 51 -5.15 -23.54 17.62
CA HIS B 51 -6.39 -23.48 16.84
C HIS B 51 -7.06 -24.84 16.71
N SER B 52 -6.28 -25.93 16.75
CA SER B 52 -6.88 -27.26 16.66
C SER B 52 -7.44 -27.74 17.99
N LEU B 53 -7.04 -27.14 19.11
CA LEU B 53 -7.46 -27.57 20.43
C LEU B 53 -8.46 -26.65 21.09
N MET B 54 -8.43 -25.35 20.81
CA MET B 54 -9.34 -24.42 21.46
C MET B 54 -10.23 -23.73 20.44
N HIS B 84 -6.68 -35.80 14.87
CA HIS B 84 -6.35 -35.42 16.25
C HIS B 84 -4.91 -35.80 16.57
N LEU B 85 -4.04 -34.79 16.67
CA LEU B 85 -2.63 -35.01 16.97
C LEU B 85 -2.39 -35.41 18.43
N LEU B 86 -3.40 -35.33 19.29
CA LEU B 86 -3.23 -35.69 20.70
C LEU B 86 -3.08 -37.19 20.91
N GLN B 87 -3.00 -37.99 19.85
CA GLN B 87 -2.94 -39.43 19.95
C GLN B 87 -1.52 -39.98 19.89
N SER B 88 -0.50 -39.13 19.73
CA SER B 88 0.87 -39.61 19.55
C SER B 88 1.84 -38.46 19.79
N ASP B 89 3.13 -38.78 19.65
CA ASP B 89 4.20 -37.79 19.77
C ASP B 89 4.21 -36.87 18.56
N ILE B 90 4.24 -35.56 18.81
CA ILE B 90 4.32 -34.56 17.76
C ILE B 90 5.58 -33.72 17.94
N TRP B 91 6.08 -33.17 16.85
CA TRP B 91 7.18 -32.21 16.88
C TRP B 91 6.65 -30.78 16.86
N VAL B 92 7.28 -29.90 17.63
CA VAL B 92 6.84 -28.52 17.73
C VAL B 92 8.04 -27.61 17.99
N ARG B 93 8.10 -26.49 17.26
CA ARG B 93 9.17 -25.51 17.37
C ARG B 93 8.68 -24.26 18.09
N GLY B 94 9.58 -23.59 18.80
CA GLY B 94 9.20 -22.40 19.52
C GLY B 94 10.40 -21.77 20.21
N ARG B 95 10.15 -20.63 20.85
CA ARG B 95 11.15 -19.94 21.65
C ARG B 95 10.96 -20.27 23.13
N ILE B 96 12.08 -20.35 23.86
CA ILE B 96 12.05 -20.57 25.30
C ILE B 96 11.71 -19.23 25.95
N HIS B 97 10.44 -19.06 26.32
CA HIS B 97 9.99 -17.82 26.94
C HIS B 97 10.37 -17.77 28.42
N ASP B 98 10.34 -18.91 29.11
CA ASP B 98 10.69 -18.99 30.52
C ASP B 98 11.09 -20.42 30.82
N ILE B 99 12.05 -20.57 31.73
CA ILE B 99 12.61 -21.87 32.07
C ILE B 99 12.86 -21.89 33.57
N ARG B 100 12.48 -22.99 34.23
CA ARG B 100 12.67 -23.12 35.67
C ARG B 100 12.96 -24.57 35.99
N SER B 101 13.96 -24.79 36.85
CA SER B 101 14.48 -26.13 37.17
C SER B 101 14.05 -26.54 38.57
N LYS B 102 12.88 -27.15 38.67
CA LYS B 102 12.38 -27.67 39.95
C LYS B 102 13.06 -29.01 40.23
N GLY B 103 14.25 -28.92 40.80
CA GLY B 103 15.01 -30.13 41.12
C GLY B 103 15.26 -30.96 39.87
N SER B 104 14.76 -32.20 39.87
CA SER B 104 14.78 -33.04 38.68
C SER B 104 13.61 -32.78 37.73
N LEU B 105 12.86 -31.70 37.93
CA LEU B 105 11.87 -31.27 36.95
C LEU B 105 12.36 -30.00 36.26
N ALA B 106 11.95 -29.85 35.00
CA ALA B 106 12.27 -28.71 34.16
C ALA B 106 10.97 -28.21 33.54
N PHE B 107 10.66 -26.93 33.75
CA PHE B 107 9.47 -26.30 33.19
C PHE B 107 9.89 -25.27 32.15
N ILE B 108 9.47 -25.46 30.92
CA ILE B 108 9.75 -24.54 29.82
C ILE B 108 8.43 -23.97 29.32
N ILE B 109 8.31 -22.65 29.33
CA ILE B 109 7.21 -21.99 28.66
C ILE B 109 7.66 -21.70 27.23
N LEU B 110 7.08 -22.40 26.27
CA LEU B 110 7.37 -22.21 24.87
C LEU B 110 6.44 -21.13 24.31
N ARG B 111 6.99 -20.23 23.48
CA ARG B 111 6.24 -19.10 22.96
C ARG B 111 6.38 -19.00 21.45
N HIS B 112 5.31 -18.51 20.81
CA HIS B 112 5.25 -18.29 19.37
C HIS B 112 4.16 -17.26 19.14
N LYS B 113 4.53 -16.09 18.62
CA LYS B 113 3.57 -15.01 18.45
C LYS B 113 2.88 -14.73 19.78
N LEU B 114 1.59 -15.04 19.84
CA LEU B 114 0.68 -14.74 20.94
C LEU B 114 0.44 -15.94 21.84
N TYR B 115 0.98 -17.10 21.47
CA TYR B 115 0.61 -18.37 22.07
C TYR B 115 1.78 -18.90 22.89
N SER B 116 1.47 -19.44 24.07
CA SER B 116 2.46 -20.07 24.92
C SER B 116 1.89 -21.37 25.47
N MET B 117 2.79 -22.32 25.72
CA MET B 117 2.41 -23.63 26.22
C MET B 117 3.53 -24.16 27.11
N GLN B 118 3.15 -24.80 28.22
CA GLN B 118 4.13 -25.31 29.17
C GLN B 118 4.63 -26.68 28.72
N CYS B 119 5.95 -26.87 28.77
CA CYS B 119 6.59 -28.10 28.36
C CYS B 119 7.47 -28.59 29.52
N ILE B 120 7.41 -29.88 29.82
CA ILE B 120 7.93 -30.43 31.08
C ILE B 120 9.01 -31.48 30.78
N LEU B 121 10.18 -31.31 31.38
CA LEU B 121 11.24 -32.31 31.34
C LEU B 121 11.39 -32.97 32.72
N ASP B 122 11.27 -34.30 32.77
CA ASP B 122 11.52 -35.07 34.00
C ASP B 122 12.19 -36.39 33.61
N ILE B 123 13.52 -36.39 33.58
CA ILE B 123 14.28 -37.58 33.17
C ILE B 123 13.79 -38.82 33.90
N ASP B 127 13.77 -42.32 32.13
CA ASP B 127 14.99 -41.92 31.44
C ASP B 127 16.19 -41.96 32.38
N ASN B 128 16.12 -41.18 33.44
CA ASN B 128 17.22 -40.97 34.38
C ASN B 128 18.52 -40.72 33.61
N ASP B 129 18.49 -39.67 32.78
CA ASP B 129 19.64 -39.26 31.98
C ASP B 129 20.07 -37.87 32.43
N LYS B 130 20.74 -37.81 33.59
CA LYS B 130 21.04 -36.53 34.22
C LYS B 130 21.85 -35.60 33.34
N ASN B 131 22.63 -36.16 32.41
CA ASN B 131 23.42 -35.31 31.50
C ASN B 131 22.51 -34.48 30.60
N MET B 132 21.32 -34.99 30.28
CA MET B 132 20.38 -34.26 29.44
C MET B 132 19.70 -33.13 30.21
N MET B 133 19.37 -33.37 31.47
CA MET B 133 18.76 -32.31 32.29
C MET B 133 19.72 -31.16 32.50
N LYS B 134 21.02 -31.44 32.58
CA LYS B 134 21.99 -30.35 32.72
C LYS B 134 21.98 -29.46 31.48
N TRP B 135 22.00 -30.07 30.30
CA TRP B 135 22.05 -29.31 29.06
C TRP B 135 20.82 -28.42 28.91
N VAL B 136 19.65 -28.97 29.24
CA VAL B 136 18.40 -28.25 29.06
C VAL B 136 18.32 -27.07 30.02
N SER B 137 18.63 -27.32 31.29
CA SER B 137 18.51 -26.28 32.30
C SER B 137 19.37 -25.07 32.01
N ASN B 138 20.42 -25.23 31.20
CA ASN B 138 21.31 -24.11 30.88
C ASN B 138 20.93 -23.39 29.59
N LEU B 139 19.89 -23.83 28.89
CA LEU B 139 19.50 -23.14 27.66
C LEU B 139 19.09 -21.72 27.98
N PRO B 140 19.70 -20.71 27.36
CA PRO B 140 19.32 -19.33 27.65
C PRO B 140 17.95 -18.99 27.05
N LEU B 141 17.26 -18.07 27.72
CA LEU B 141 15.95 -17.64 27.27
C LEU B 141 16.01 -17.14 25.83
N GLU B 142 14.89 -17.28 25.11
CA GLU B 142 14.65 -16.87 23.73
C GLU B 142 15.27 -17.82 22.71
N SER B 143 15.98 -18.86 23.13
CA SER B 143 16.51 -19.82 22.19
C SER B 143 15.38 -20.56 21.48
N ILE B 144 15.65 -20.99 20.26
CA ILE B 144 14.67 -21.68 19.44
C ILE B 144 14.97 -23.18 19.50
N VAL B 145 13.99 -23.96 19.93
CA VAL B 145 14.15 -25.40 20.11
C VAL B 145 13.07 -26.14 19.35
N ASP B 146 13.42 -27.31 18.84
CA ASP B 146 12.46 -28.28 18.34
C ASP B 146 12.25 -29.34 19.41
N ILE B 147 11.04 -29.43 19.94
CA ILE B 147 10.69 -30.33 21.02
C ILE B 147 9.80 -31.42 20.47
N LYS B 148 10.10 -32.68 20.83
CA LYS B 148 9.29 -33.84 20.47
C LYS B 148 8.73 -34.45 21.74
N GLY B 149 7.43 -34.70 21.77
CA GLY B 149 6.78 -35.17 22.98
C GLY B 149 5.30 -35.41 22.78
N LYS B 150 4.61 -35.61 23.92
CA LYS B 150 3.20 -35.97 23.93
C LYS B 150 2.37 -34.84 24.55
N LEU B 151 1.16 -34.64 24.01
CA LEU B 151 0.23 -33.66 24.53
C LEU B 151 -0.73 -34.31 25.52
N SER B 152 -0.89 -33.68 26.68
CA SER B 152 -1.76 -34.20 27.73
C SER B 152 -2.49 -33.04 28.38
N LYS B 153 -3.76 -33.25 28.70
CA LYS B 153 -4.45 -32.27 29.52
C LYS B 153 -3.80 -32.19 30.90
N PRO B 154 -3.57 -31.00 31.42
CA PRO B 154 -3.01 -30.89 32.78
C PRO B 154 -4.09 -30.84 33.83
N GLU B 155 -3.76 -31.41 35.00
CA GLU B 155 -4.66 -31.33 36.13
C GLU B 155 -4.99 -29.85 36.44
N VAL B 156 -3.99 -29.08 36.75
CA VAL B 156 -4.15 -27.62 36.98
C VAL B 156 -3.66 -26.91 35.70
N PRO B 157 -4.55 -26.35 34.90
CA PRO B 157 -4.10 -25.59 33.72
C PRO B 157 -3.34 -24.35 34.13
N ILE B 158 -2.12 -24.20 33.60
CA ILE B 158 -1.32 -23.02 33.90
C ILE B 158 -2.09 -21.78 33.48
N ASP B 159 -2.20 -20.82 34.39
CA ASP B 159 -2.96 -19.62 34.06
C ASP B 159 -2.26 -18.80 32.99
N SER B 160 -0.92 -18.90 32.90
CA SER B 160 -0.17 -18.05 31.99
C SER B 160 -0.35 -18.47 30.54
N THR B 161 -0.32 -19.77 30.25
CA THR B 161 -0.36 -20.26 28.88
C THR B 161 -1.79 -20.32 28.38
N ASN B 162 -2.08 -19.62 27.28
CA ASN B 162 -3.43 -19.70 26.69
C ASN B 162 -3.67 -20.99 25.93
N ILE B 163 -2.65 -21.83 25.77
CA ILE B 163 -2.83 -23.22 25.38
C ILE B 163 -2.91 -24.02 26.68
N LYS B 164 -4.11 -24.45 27.04
CA LYS B 164 -4.33 -25.11 28.33
C LYS B 164 -3.92 -26.57 28.32
N TYR B 165 -3.04 -26.98 27.41
CA TYR B 165 -2.40 -28.29 27.45
C TYR B 165 -0.93 -28.14 27.80
N GLU B 166 -0.31 -29.29 28.02
CA GLU B 166 1.10 -29.38 28.35
C GLU B 166 1.74 -30.43 27.45
N ALA B 167 3.06 -30.36 27.36
CA ALA B 167 3.85 -31.29 26.56
C ALA B 167 4.85 -32.01 27.46
N HIS B 168 5.07 -33.29 27.20
CA HIS B 168 6.03 -34.08 27.95
C HIS B 168 7.15 -34.49 27.01
N ILE B 169 8.37 -34.11 27.36
CA ILE B 169 9.46 -34.03 26.39
C ILE B 169 10.10 -35.40 26.23
N ARG B 170 9.98 -35.97 25.03
CA ARG B 170 10.80 -37.11 24.67
C ARG B 170 12.16 -36.69 24.10
N LYS B 171 12.20 -35.58 23.35
CA LYS B 171 13.46 -35.06 22.82
C LYS B 171 13.39 -33.54 22.74
N ILE B 172 14.56 -32.90 22.72
CA ILE B 172 14.63 -31.45 22.56
C ILE B 172 15.98 -31.06 21.99
N PHE B 173 15.97 -30.32 20.88
CA PHE B 173 17.17 -29.82 20.25
C PHE B 173 17.07 -28.31 20.11
N CYS B 174 18.23 -27.65 20.09
CA CYS B 174 18.28 -26.20 19.96
C CYS B 174 18.86 -25.85 18.61
N ILE B 175 18.01 -25.32 17.72
CA ILE B 175 18.49 -24.92 16.40
C ILE B 175 19.08 -23.52 16.41
N SER B 176 18.72 -22.68 17.38
CA SER B 176 19.25 -21.33 17.48
C SER B 176 19.40 -20.93 18.94
N LYS B 177 20.64 -20.70 19.37
CA LYS B 177 20.93 -20.37 20.76
C LYS B 177 21.13 -18.87 20.91
N THR B 178 20.39 -18.27 21.84
CA THR B 178 20.62 -16.87 22.20
C THR B 178 22.10 -16.62 22.46
N ALA B 179 22.72 -15.82 21.60
CA ALA B 179 24.15 -15.54 21.68
C ALA B 179 24.50 -14.49 22.74
N LYS B 180 23.52 -13.69 23.15
CA LYS B 180 23.77 -12.45 23.88
C LYS B 180 22.75 -12.30 25.00
N GLU B 181 23.12 -11.58 26.04
CA GLU B 181 22.23 -11.29 27.15
C GLU B 181 21.24 -10.19 26.75
N LEU B 182 19.95 -10.44 26.97
CA LEU B 182 18.93 -9.48 26.56
C LEU B 182 19.14 -8.13 27.25
N PRO B 183 18.65 -7.04 26.62
CA PRO B 183 18.78 -5.72 27.25
C PRO B 183 17.80 -5.50 28.38
N PHE B 184 16.71 -6.25 28.41
CA PHE B 184 15.82 -6.29 29.55
C PHE B 184 15.12 -7.63 29.48
N LEU B 185 14.37 -7.95 30.53
CA LEU B 185 13.67 -9.23 30.61
C LEU B 185 12.27 -9.11 30.02
N LEU B 186 11.87 -10.11 29.24
CA LEU B 186 10.52 -10.12 28.71
C LEU B 186 9.48 -10.07 29.83
N LYS B 187 9.76 -10.73 30.97
CA LYS B 187 8.84 -10.67 32.09
C LYS B 187 8.58 -9.24 32.52
N ASP B 188 9.64 -8.40 32.54
CA ASP B 188 9.47 -7.01 32.89
C ASP B 188 8.83 -6.22 31.76
N ALA B 189 9.15 -6.56 30.51
CA ALA B 189 8.57 -5.85 29.38
C ALA B 189 7.06 -6.03 29.28
N ASN B 190 6.54 -7.17 29.76
CA ASN B 190 5.13 -7.52 29.62
C ASN B 190 4.21 -6.95 30.69
N MET B 191 4.74 -6.32 31.72
CA MET B 191 3.96 -5.95 32.90
C MET B 191 3.37 -4.56 32.79
N LYS B 192 2.19 -4.37 33.39
CA LYS B 192 1.62 -3.04 33.52
C LYS B 192 2.54 -2.14 34.34
N GLU B 193 2.65 -0.89 33.94
CA GLU B 193 3.60 0.04 34.55
C GLU B 193 3.01 0.61 35.82
N THR B 194 3.49 0.15 36.96
CA THR B 194 3.15 0.73 38.26
C THR B 194 4.14 1.85 38.55
N ASN B 195 3.66 3.09 38.55
CA ASN B 195 4.50 4.26 38.80
C ASN B 195 4.64 4.45 40.31
N GLU B 196 5.56 3.66 40.88
CA GLU B 196 5.92 3.74 42.28
C GLU B 196 7.44 3.66 42.41
N GLU B 197 7.93 3.87 43.63
CA GLU B 197 9.37 3.87 43.86
C GLU B 197 9.91 2.44 43.88
N GLY B 198 10.96 2.20 43.10
CA GLY B 198 11.67 0.93 43.11
C GLY B 198 11.04 -0.17 42.29
N SER B 199 9.98 0.11 41.54
CA SER B 199 9.32 -0.92 40.77
C SER B 199 9.96 -1.06 39.39
N ILE B 200 9.49 -2.05 38.65
CA ILE B 200 9.97 -2.32 37.31
C ILE B 200 9.40 -1.30 36.33
N LYS B 201 10.24 -0.85 35.39
CA LYS B 201 9.82 0.03 34.30
C LYS B 201 10.87 -0.07 33.20
N VAL B 202 10.46 -0.51 32.01
CA VAL B 202 11.34 -0.53 30.85
C VAL B 202 11.12 0.76 30.07
N ASN B 203 12.13 1.65 30.06
CA ASN B 203 12.04 2.94 29.39
C ASN B 203 11.60 2.80 27.92
N GLN B 204 10.79 3.76 27.47
CA GLN B 204 10.50 3.85 26.03
C GLN B 204 11.78 3.88 25.20
N ASP B 205 12.76 4.68 25.62
CA ASP B 205 14.03 4.72 24.89
C ASP B 205 14.68 3.34 24.83
N ASN B 206 14.68 2.63 25.95
CA ASN B 206 15.26 1.30 25.97
C ASN B 206 14.50 0.37 25.02
N ARG B 207 13.17 0.44 25.04
CA ARG B 207 12.36 -0.39 24.16
C ARG B 207 12.65 -0.08 22.69
N LEU B 208 12.64 1.20 22.31
CA LEU B 208 12.80 1.57 20.91
C LEU B 208 14.23 1.30 20.42
N ASN B 209 15.23 1.51 21.29
CA ASN B 209 16.60 1.17 20.93
C ASN B 209 16.77 -0.32 20.72
N ASN B 210 15.93 -1.14 21.36
CA ASN B 210 15.99 -2.59 21.25
C ASN B 210 14.67 -3.13 20.73
N ARG B 211 14.15 -2.50 19.66
CA ARG B 211 12.80 -2.75 19.19
C ARG B 211 12.57 -4.22 18.85
N CYS B 212 13.59 -4.93 18.35
CA CYS B 212 13.40 -6.32 17.96
C CYS B 212 13.22 -7.24 19.16
N VAL B 213 13.57 -6.79 20.36
CA VAL B 213 13.13 -7.50 21.55
C VAL B 213 11.80 -6.96 22.05
N ASP B 214 11.65 -5.63 22.05
CA ASP B 214 10.41 -5.01 22.50
C ASP B 214 9.19 -5.59 21.78
N LEU B 215 9.29 -5.80 20.47
CA LEU B 215 8.18 -6.31 19.68
C LEU B 215 7.77 -7.72 20.05
N ARG B 216 8.51 -8.41 20.92
CA ARG B 216 8.13 -9.75 21.35
C ARG B 216 7.13 -9.76 22.49
N THR B 217 6.91 -8.63 23.16
CA THR B 217 5.86 -8.62 24.17
C THR B 217 4.54 -9.02 23.53
N TYR B 218 3.66 -9.60 24.34
CA TYR B 218 2.39 -10.07 23.82
C TYR B 218 1.54 -8.91 23.29
N ALA B 219 1.57 -7.77 23.99
CA ALA B 219 0.79 -6.63 23.54
C ALA B 219 1.35 -6.04 22.26
N ASN B 220 2.68 -5.89 22.17
CA ASN B 220 3.26 -5.28 20.98
C ASN B 220 3.01 -6.13 19.75
N TYR B 221 3.14 -7.46 19.88
CA TYR B 221 2.78 -8.32 18.75
C TYR B 221 1.33 -8.11 18.37
N SER B 222 0.44 -8.00 19.35
CA SER B 222 -0.98 -7.83 19.05
C SER B 222 -1.24 -6.47 18.38
N ILE B 223 -0.53 -5.42 18.79
CA ILE B 223 -0.75 -4.11 18.20
C ILE B 223 -0.54 -4.17 16.69
N PHE B 224 0.57 -4.77 16.26
CA PHE B 224 0.90 -4.69 14.84
C PHE B 224 0.14 -5.71 14.00
N CYS B 225 -0.40 -6.77 14.61
CA CYS B 225 -1.43 -7.55 13.92
C CYS B 225 -2.67 -6.71 13.68
N LEU B 226 -3.05 -5.92 14.67
CA LEU B 226 -4.21 -5.05 14.47
C LEU B 226 -3.93 -3.99 13.41
N GLN B 227 -2.66 -3.57 13.26
CA GLN B 227 -2.33 -2.58 12.23
C GLN B 227 -2.55 -3.16 10.84
N SER B 228 -2.06 -4.39 10.62
CA SER B 228 -2.33 -5.06 9.37
C SER B 228 -3.84 -5.20 9.15
N GLN B 229 -4.59 -5.46 10.22
CA GLN B 229 -6.04 -5.65 10.11
C GLN B 229 -6.73 -4.39 9.60
N ILE B 230 -6.35 -3.23 10.14
CA ILE B 230 -6.90 -1.98 9.63
C ILE B 230 -6.61 -1.83 8.13
N CYS B 231 -5.35 -2.05 7.71
CA CYS B 231 -5.03 -1.89 6.28
C CYS B 231 -5.94 -2.76 5.43
N THR B 232 -6.17 -3.98 5.89
CA THR B 232 -6.96 -4.94 5.13
C THR B 232 -8.42 -4.52 5.04
N ILE B 233 -9.02 -4.15 6.18
CA ILE B 233 -10.42 -3.72 6.16
C ILE B 233 -10.59 -2.49 5.29
N PHE B 234 -9.65 -1.54 5.42
CA PHE B 234 -9.69 -0.31 4.61
C PHE B 234 -9.63 -0.62 3.12
N LYS B 235 -8.61 -1.36 2.67
CA LYS B 235 -8.48 -1.68 1.25
C LYS B 235 -9.72 -2.44 0.74
N ASN B 236 -10.17 -3.43 1.49
CA ASN B 236 -11.25 -4.30 0.98
C ASN B 236 -12.57 -3.55 0.89
N PHE B 237 -12.84 -2.65 1.84
CA PHE B 237 -14.04 -1.82 1.76
C PHE B 237 -14.02 -0.97 0.49
N LEU B 238 -12.89 -0.33 0.19
CA LEU B 238 -12.81 0.49 -1.02
C LEU B 238 -12.92 -0.36 -2.28
N LEU B 239 -12.14 -1.46 -2.35
CA LEU B 239 -12.22 -2.33 -3.54
C LEU B 239 -13.64 -2.85 -3.77
N GLU B 240 -14.37 -3.21 -2.70
CA GLU B 240 -15.74 -3.65 -2.89
C GLU B 240 -16.65 -2.52 -3.35
N ASN B 241 -16.22 -1.26 -3.20
CA ASN B 241 -16.93 -0.11 -3.69
C ASN B 241 -16.31 0.44 -4.96
N ASN B 242 -15.60 -0.41 -5.68
CA ASN B 242 -15.17 -0.12 -7.04
C ASN B 242 -14.03 0.89 -7.10
N PHE B 243 -13.26 1.05 -6.02
CA PHE B 243 -12.04 1.86 -6.06
C PHE B 243 -10.92 1.07 -6.72
N ILE B 244 -9.90 1.78 -7.21
CA ILE B 244 -8.64 1.15 -7.60
C ILE B 244 -7.51 1.72 -6.75
N GLU B 245 -6.51 0.88 -6.48
CA GLU B 245 -5.29 1.33 -5.79
C GLU B 245 -4.36 2.04 -6.78
N ILE B 246 -3.84 3.20 -6.36
CA ILE B 246 -2.82 3.93 -7.12
C ILE B 246 -1.53 4.01 -6.29
N HIS B 247 -0.43 4.29 -6.98
CA HIS B 247 0.87 4.51 -6.36
C HIS B 247 1.50 5.74 -7.01
N THR B 248 1.77 6.75 -6.21
CA THR B 248 2.22 8.02 -6.73
C THR B 248 3.55 8.40 -6.09
N PRO B 249 4.36 9.23 -6.74
CA PRO B 249 5.75 9.39 -6.31
C PRO B 249 5.89 10.13 -4.99
N LYS B 250 6.95 9.80 -4.27
CA LYS B 250 7.32 10.55 -3.07
C LYS B 250 8.52 11.48 -3.29
N LEU B 251 9.21 11.36 -4.44
CA LEU B 251 10.21 12.34 -4.87
C LEU B 251 9.51 13.41 -5.71
N LEU B 252 9.58 14.65 -5.25
CA LEU B 252 8.87 15.76 -5.91
C LEU B 252 9.83 16.89 -6.21
N GLY B 253 9.42 17.76 -7.15
CA GLY B 253 10.05 19.03 -7.41
C GLY B 253 9.43 20.21 -6.67
N GLU B 254 8.42 19.95 -5.84
CA GLU B 254 7.66 20.96 -5.12
C GLU B 254 6.86 20.30 -4.00
N SER B 255 6.67 21.03 -2.90
CA SER B 255 5.96 20.48 -1.75
C SER B 255 4.46 20.33 -2.05
N SER B 256 3.87 19.25 -1.50
CA SER B 256 2.44 18.99 -1.66
C SER B 256 1.59 19.60 -0.54
N GLU B 257 2.18 19.94 0.62
CA GLU B 257 1.46 20.55 1.73
C GLU B 257 2.23 21.71 2.39
N GLY B 258 3.00 22.48 1.62
CA GLY B 258 3.69 23.64 2.16
C GLY B 258 5.15 23.44 2.50
N GLY B 259 6.04 24.20 1.85
CA GLY B 259 7.48 23.95 1.83
C GLY B 259 8.20 24.13 3.16
N ALA B 260 7.53 24.70 4.17
CA ALA B 260 8.20 24.94 5.45
C ALA B 260 8.53 23.65 6.18
N ASN B 261 7.72 22.59 6.02
CA ASN B 261 7.91 21.36 6.78
C ASN B 261 8.26 20.18 5.87
N ALA B 262 8.93 20.44 4.76
CA ALA B 262 9.26 19.41 3.79
C ALA B 262 10.74 19.10 3.83
N PHE B 263 11.09 17.81 3.76
CA PHE B 263 12.49 17.40 3.66
C PHE B 263 13.03 17.69 2.26
N GLN B 264 14.26 18.19 2.21
CA GLN B 264 14.91 18.54 0.95
C GLN B 264 15.79 17.38 0.48
N ILE B 265 15.82 17.18 -0.83
CA ILE B 265 16.58 16.10 -1.42
C ILE B 265 17.36 16.61 -2.63
N ASN B 266 18.55 16.05 -2.83
CA ASN B 266 19.34 16.34 -4.02
C ASN B 266 19.04 15.26 -5.06
N TYR B 267 18.25 15.60 -6.06
CA TYR B 267 17.83 14.65 -7.08
C TYR B 267 18.65 14.91 -8.33
N PHE B 268 19.76 14.20 -8.47
CA PHE B 268 20.63 14.34 -9.64
C PHE B 268 20.79 15.81 -10.02
N ASN B 269 21.16 16.62 -9.03
CA ASN B 269 21.38 18.05 -9.21
C ASN B 269 20.09 18.79 -9.58
N GLN B 270 18.95 18.28 -9.17
CA GLN B 270 17.75 19.11 -9.06
C GLN B 270 17.46 19.32 -7.58
N LYS B 271 16.73 20.40 -7.30
CA LYS B 271 16.28 20.66 -5.94
C LYS B 271 14.96 19.93 -5.76
N GLY B 272 14.94 18.93 -4.88
CA GLY B 272 13.77 18.10 -4.69
C GLY B 272 13.32 18.04 -3.23
N PHE B 273 12.11 17.51 -3.06
CA PHE B 273 11.49 17.37 -1.75
C PHE B 273 10.84 16.01 -1.62
N LEU B 274 10.75 15.51 -0.39
CA LEU B 274 9.93 14.34 -0.13
C LEU B 274 8.48 14.75 0.00
N ALA B 275 7.58 13.90 -0.49
CA ALA B 275 6.15 14.20 -0.44
C ALA B 275 5.64 14.17 1.02
N GLN B 276 4.86 15.20 1.38
CA GLN B 276 4.12 15.24 2.65
C GLN B 276 2.75 14.59 2.55
N SER B 277 2.25 14.43 1.34
CA SER B 277 1.06 13.63 1.08
C SER B 277 0.95 13.43 -0.43
N PRO B 278 0.15 12.49 -0.85
CA PRO B 278 -0.06 12.31 -2.30
C PRO B 278 -1.13 13.26 -2.83
N GLN B 279 -1.39 14.35 -2.10
CA GLN B 279 -2.50 15.26 -2.43
C GLN B 279 -2.55 15.61 -3.92
N LEU B 280 -1.44 16.11 -4.48
CA LEU B 280 -1.52 16.63 -5.84
C LEU B 280 -1.80 15.51 -6.83
N TYR B 281 -1.16 14.36 -6.64
CA TYR B 281 -1.28 13.28 -7.60
C TYR B 281 -2.61 12.54 -7.52
N LYS B 282 -3.20 12.40 -6.32
CA LYS B 282 -4.48 11.74 -6.28
C LYS B 282 -5.55 12.60 -6.95
N GLN B 283 -5.45 13.93 -6.85
CA GLN B 283 -6.38 14.77 -7.61
C GLN B 283 -6.12 14.64 -9.12
N MET B 284 -4.85 14.59 -9.53
CA MET B 284 -4.57 14.46 -10.95
C MET B 284 -5.16 13.17 -11.50
N CYS B 285 -5.20 12.12 -10.68
CA CYS B 285 -5.79 10.86 -11.13
C CYS B 285 -7.30 10.99 -11.30
N ILE B 286 -7.98 11.70 -10.40
CA ILE B 286 -9.40 12.00 -10.62
C ILE B 286 -9.57 12.86 -11.87
N ASN B 287 -8.72 13.87 -12.04
CA ASN B 287 -8.77 14.66 -13.27
C ASN B 287 -8.52 13.80 -14.51
N SER B 288 -7.78 12.68 -14.37
CA SER B 288 -7.53 11.79 -15.49
C SER B 288 -8.65 10.77 -15.71
N GLY B 289 -9.69 10.75 -14.88
CA GLY B 289 -10.82 9.86 -15.07
C GLY B 289 -10.86 8.59 -14.25
N PHE B 290 -10.00 8.43 -13.26
CA PHE B 290 -10.01 7.17 -12.53
C PHE B 290 -11.18 7.06 -11.56
N ASP B 291 -11.93 8.14 -11.33
CA ASP B 291 -13.19 8.19 -10.60
C ASP B 291 -13.14 7.86 -9.10
N ARG B 292 -12.49 6.77 -8.70
CA ARG B 292 -12.36 6.40 -7.29
C ARG B 292 -10.99 5.79 -7.07
N VAL B 293 -10.13 6.45 -6.29
CA VAL B 293 -8.78 5.96 -6.04
C VAL B 293 -8.47 6.01 -4.55
N PHE B 294 -7.54 5.14 -4.14
CA PHE B 294 -6.97 5.21 -2.80
C PHE B 294 -5.49 4.83 -2.88
N GLU B 295 -4.73 5.25 -1.87
CA GLU B 295 -3.31 4.95 -1.74
C GLU B 295 -3.01 4.64 -0.27
N VAL B 296 -2.15 3.65 -0.05
CA VAL B 296 -1.64 3.33 1.27
C VAL B 296 -0.13 3.39 1.11
N ALA B 297 0.49 4.44 1.66
CA ALA B 297 1.89 4.71 1.35
C ALA B 297 2.46 5.64 2.40
N PRO B 298 3.77 5.63 2.60
CA PRO B 298 4.40 6.55 3.54
C PRO B 298 4.36 7.98 3.06
N VAL B 299 4.39 8.91 4.02
CA VAL B 299 4.61 10.33 3.76
C VAL B 299 5.68 10.81 4.74
N PHE B 300 6.25 11.98 4.46
CA PHE B 300 7.43 12.45 5.18
C PHE B 300 7.22 13.90 5.57
N ARG B 301 7.30 14.19 6.86
CA ARG B 301 7.00 15.53 7.35
C ARG B 301 8.07 15.98 8.33
N ALA B 302 8.71 17.11 8.03
CA ALA B 302 9.84 17.58 8.81
C ALA B 302 9.39 18.59 9.87
N GLU B 303 8.51 18.12 10.75
CA GLU B 303 8.04 18.91 11.88
C GLU B 303 9.09 18.85 12.96
N ASN B 304 9.71 20.00 13.26
CA ASN B 304 10.77 20.01 14.26
C ASN B 304 10.19 20.07 15.67
N SER B 305 9.21 19.23 15.97
CA SER B 305 8.62 19.16 17.29
C SER B 305 8.62 17.70 17.72
N ASN B 306 9.02 17.47 18.96
CA ASN B 306 9.02 16.12 19.54
C ASN B 306 7.80 16.01 20.44
N THR B 307 6.73 15.43 19.92
CA THR B 307 5.46 15.30 20.63
C THR B 307 5.09 13.82 20.71
N TYR B 308 4.07 13.55 21.53
CA TYR B 308 3.57 12.20 21.75
C TYR B 308 2.64 11.71 20.65
N ARG B 309 2.21 12.58 19.74
CA ARG B 309 1.18 12.22 18.78
C ARG B 309 1.60 12.26 17.31
N HIS B 310 2.77 12.83 16.99
CA HIS B 310 3.20 12.96 15.60
C HIS B 310 4.59 12.37 15.40
N LEU B 311 4.83 11.92 14.17
CA LEU B 311 6.12 11.40 13.75
C LEU B 311 6.57 12.14 12.49
N CYS B 312 7.82 11.91 12.09
CA CYS B 312 8.34 12.51 10.86
C CYS B 312 8.07 11.64 9.64
N GLU B 313 7.70 10.39 9.86
CA GLU B 313 7.29 9.47 8.82
C GLU B 313 6.12 8.68 9.38
N TYR B 314 5.07 8.55 8.58
CA TYR B 314 3.90 7.77 8.97
C TYR B 314 3.26 7.25 7.71
N VAL B 315 2.36 6.28 7.86
CA VAL B 315 1.67 5.69 6.73
C VAL B 315 0.34 6.42 6.54
N SER B 316 0.20 7.06 5.39
CA SER B 316 -1.01 7.81 5.08
C SER B 316 -1.97 6.91 4.31
N LEU B 317 -3.24 6.90 4.74
CA LEU B 317 -4.30 6.23 3.97
C LEU B 317 -5.13 7.33 3.29
N ASP B 318 -5.06 7.38 1.96
CA ASP B 318 -5.65 8.47 1.19
C ASP B 318 -6.77 7.97 0.30
N VAL B 319 -7.84 8.76 0.24
CA VAL B 319 -8.95 8.52 -0.67
C VAL B 319 -9.23 9.77 -1.49
N GLU B 320 -9.60 9.58 -2.76
CA GLU B 320 -10.08 10.65 -3.63
C GLU B 320 -11.15 10.07 -4.56
N MET B 321 -12.26 10.80 -4.72
CA MET B 321 -13.38 10.27 -5.49
C MET B 321 -14.28 11.39 -5.97
N THR B 322 -15.02 11.11 -7.05
CA THR B 322 -16.02 12.05 -7.56
C THR B 322 -17.30 11.99 -6.73
N TYR B 323 -18.12 13.05 -6.82
CA TYR B 323 -19.49 13.01 -6.34
C TYR B 323 -20.42 13.54 -7.44
N LYS B 324 -21.72 13.35 -7.25
CA LYS B 324 -22.67 13.73 -8.29
C LYS B 324 -23.08 15.19 -8.19
N TYR B 325 -23.64 15.59 -7.05
CA TYR B 325 -24.15 16.96 -6.93
C TYR B 325 -23.70 17.63 -5.64
N ASP B 326 -23.45 16.82 -4.60
CA ASP B 326 -23.25 17.31 -3.26
C ASP B 326 -22.10 16.55 -2.62
N TYR B 327 -21.06 17.27 -2.19
CA TYR B 327 -19.90 16.60 -1.62
C TYR B 327 -20.25 15.77 -0.37
N LEU B 328 -21.39 16.04 0.28
CA LEU B 328 -21.77 15.24 1.44
C LEU B 328 -22.05 13.79 1.08
N GLU B 329 -22.30 13.49 -0.20
CA GLU B 329 -22.36 12.08 -0.61
C GLU B 329 -21.07 11.36 -0.21
N ASN B 330 -19.92 11.98 -0.47
CA ASN B 330 -18.64 11.33 -0.17
C ASN B 330 -18.37 11.32 1.35
N VAL B 331 -18.79 12.37 2.06
CA VAL B 331 -18.56 12.43 3.49
C VAL B 331 -19.28 11.28 4.17
N HIS B 332 -20.56 11.11 3.86
CA HIS B 332 -21.30 9.98 4.38
C HIS B 332 -20.62 8.66 4.03
N PHE B 333 -20.08 8.57 2.81
CA PHE B 333 -19.35 7.37 2.42
C PHE B 333 -18.09 7.19 3.28
N TYR B 334 -17.33 8.26 3.54
CA TYR B 334 -16.15 8.10 4.39
C TYR B 334 -16.56 7.67 5.79
N ASP B 335 -17.63 8.27 6.31
CA ASP B 335 -18.14 7.94 7.64
C ASP B 335 -18.48 6.47 7.71
N SER B 336 -19.18 5.96 6.69
CA SER B 336 -19.55 4.56 6.69
C SER B 336 -18.33 3.66 6.55
N MET B 337 -17.26 4.14 5.93
CA MET B 337 -16.01 3.37 5.93
C MET B 337 -15.48 3.18 7.34
N PHE B 338 -15.38 4.27 8.11
CA PHE B 338 -14.87 4.12 9.47
C PHE B 338 -15.80 3.30 10.36
N LYS B 339 -17.12 3.45 10.19
CA LYS B 339 -18.03 2.62 10.97
C LYS B 339 -17.79 1.14 10.66
N HIS B 340 -17.57 0.82 9.39
CA HIS B 340 -17.25 -0.55 9.00
C HIS B 340 -15.95 -1.02 9.66
N ILE B 341 -14.94 -0.17 9.68
CA ILE B 341 -13.67 -0.51 10.32
C ILE B 341 -13.88 -0.78 11.80
N PHE B 342 -14.57 0.12 12.50
CA PHE B 342 -14.84 -0.09 13.92
C PHE B 342 -15.63 -1.39 14.13
N THR B 343 -16.64 -1.65 13.29
CA THR B 343 -17.43 -2.87 13.39
C THR B 343 -16.56 -4.11 13.25
N GLU B 344 -15.71 -4.15 12.22
CA GLU B 344 -14.91 -5.34 11.94
C GLU B 344 -13.83 -5.54 12.99
N LEU B 345 -13.21 -4.44 13.44
CA LEU B 345 -12.19 -4.56 14.48
C LEU B 345 -12.76 -5.12 15.77
N SER B 346 -14.03 -4.89 16.03
CA SER B 346 -14.65 -5.19 17.31
C SER B 346 -15.39 -6.53 17.31
N LYS B 347 -15.36 -7.26 16.20
CA LYS B 347 -16.12 -8.49 16.14
C LYS B 347 -15.42 -9.56 16.96
N GLY B 348 -16.11 -10.70 17.14
CA GLY B 348 -15.54 -11.82 17.86
C GLY B 348 -14.50 -12.57 17.05
N GLY B 349 -13.76 -13.43 17.74
CA GLY B 349 -12.74 -14.25 17.09
C GLY B 349 -11.34 -13.69 17.32
N LYS B 350 -10.57 -13.60 16.22
CA LYS B 350 -9.17 -13.19 16.35
C LYS B 350 -9.05 -11.75 16.87
N ASN B 351 -9.91 -10.84 16.41
CA ASN B 351 -9.71 -9.43 16.78
C ASN B 351 -9.95 -9.20 18.28
N GLU B 352 -10.96 -9.86 18.86
CA GLU B 352 -11.19 -9.77 20.32
C GLU B 352 -10.01 -10.31 21.11
N MET B 353 -9.45 -11.45 20.69
CA MET B 353 -8.24 -11.94 21.36
C MET B 353 -7.12 -10.90 21.32
N LEU B 354 -6.92 -10.26 20.17
CA LEU B 354 -5.84 -9.29 19.99
C LEU B 354 -6.08 -8.04 20.84
N ILE B 355 -7.30 -7.48 20.77
CA ILE B 355 -7.61 -6.31 21.58
C ILE B 355 -7.47 -6.65 23.06
N LYS B 356 -7.90 -7.86 23.44
CA LYS B 356 -7.81 -8.30 24.83
C LYS B 356 -6.36 -8.44 25.27
N THR B 357 -5.51 -9.01 24.41
CA THR B 357 -4.10 -9.12 24.76
C THR B 357 -3.49 -7.73 24.96
N VAL B 358 -3.85 -6.76 24.11
CA VAL B 358 -3.33 -5.40 24.28
C VAL B 358 -3.82 -4.80 25.59
N LYS B 359 -5.12 -4.92 25.88
CA LYS B 359 -5.68 -4.31 27.08
C LYS B 359 -5.10 -4.93 28.35
N GLY B 360 -4.59 -6.16 28.27
CA GLY B 360 -3.98 -6.75 29.46
C GLY B 360 -2.83 -5.91 29.99
N GLN B 361 -2.02 -5.37 29.09
CA GLN B 361 -0.93 -4.52 29.54
C GLN B 361 -1.28 -3.03 29.54
N TYR B 362 -2.16 -2.59 28.64
CA TYR B 362 -2.56 -1.19 28.51
C TYR B 362 -4.08 -1.10 28.61
N PRO B 363 -4.63 -0.95 29.81
CA PRO B 363 -6.09 -0.94 29.96
C PRO B 363 -6.73 0.33 29.38
N CYS B 364 -7.93 0.16 28.86
CA CYS B 364 -8.71 1.25 28.30
C CYS B 364 -10.10 0.72 27.97
N GLU B 365 -11.13 1.51 28.27
CA GLU B 365 -12.49 1.13 27.87
C GLU B 365 -12.58 0.91 26.36
N ASP B 366 -13.43 -0.05 25.96
CA ASP B 366 -13.69 -0.31 24.55
C ASP B 366 -14.02 0.96 23.80
N PHE B 367 -13.59 1.03 22.53
CA PHE B 367 -13.95 2.13 21.67
C PHE B 367 -15.44 2.07 21.31
N GLN B 368 -16.15 3.20 21.45
CA GLN B 368 -17.58 3.25 21.18
C GLN B 368 -17.91 4.21 20.04
N TRP B 369 -18.94 3.85 19.28
CA TRP B 369 -19.50 4.71 18.25
C TRP B 369 -20.99 4.41 18.09
N LEU B 370 -21.75 5.41 17.67
CA LEU B 370 -23.20 5.30 17.54
C LEU B 370 -23.58 4.74 16.17
N GLU B 371 -24.82 4.28 16.07
CA GLU B 371 -25.33 3.78 14.79
C GLU B 371 -25.41 4.90 13.77
N GLU B 372 -25.64 6.12 14.23
CA GLU B 372 -25.66 7.31 13.38
C GLU B 372 -24.64 8.29 13.95
N THR B 373 -23.66 8.62 13.14
CA THR B 373 -22.52 9.40 13.62
C THR B 373 -22.92 10.86 13.84
N PRO B 374 -22.59 11.44 14.98
CA PRO B 374 -22.87 12.87 15.17
C PRO B 374 -21.99 13.74 14.26
N ILE B 375 -22.61 14.76 13.68
CA ILE B 375 -21.93 15.73 12.82
C ILE B 375 -22.16 17.13 13.38
N PHE B 376 -21.09 17.81 13.73
CA PHE B 376 -21.15 19.18 14.22
C PHE B 376 -20.52 20.12 13.21
N THR B 377 -21.08 21.31 13.07
CA THR B 377 -20.32 22.31 12.33
C THR B 377 -19.22 22.87 13.22
N TYR B 378 -18.21 23.46 12.59
CA TYR B 378 -17.12 24.03 13.37
C TYR B 378 -17.65 25.11 14.31
N GLU B 379 -18.62 25.90 13.85
CA GLU B 379 -19.18 26.92 14.73
C GLU B 379 -19.88 26.30 15.92
N GLU B 380 -20.62 25.20 15.71
CA GLU B 380 -21.31 24.56 16.84
C GLU B 380 -20.30 24.00 17.83
N ALA B 381 -19.25 23.34 17.33
CA ALA B 381 -18.24 22.79 18.23
C ALA B 381 -17.66 23.89 19.12
N ILE B 382 -17.35 25.03 18.52
CA ILE B 382 -16.78 26.14 19.29
C ILE B 382 -17.79 26.63 20.32
N LYS B 383 -19.07 26.67 19.96
CA LYS B 383 -20.04 27.20 20.89
C LYS B 383 -20.32 26.20 22.01
N MET B 384 -20.14 24.90 21.76
CA MET B 384 -20.15 23.95 22.85
C MET B 384 -19.01 24.23 23.82
N LEU B 385 -17.80 24.47 23.29
CA LEU B 385 -16.66 24.77 24.14
C LEU B 385 -16.87 26.07 24.92
N ILE B 386 -17.54 27.06 24.32
CA ILE B 386 -17.85 28.28 25.05
C ILE B 386 -18.86 28.01 26.15
N GLN B 387 -19.92 27.27 25.83
CA GLN B 387 -20.97 27.01 26.78
C GLN B 387 -20.46 26.26 28.00
N HIS B 388 -19.38 25.49 27.84
CA HIS B 388 -18.77 24.77 28.95
C HIS B 388 -17.64 25.55 29.59
N GLY B 389 -17.53 26.85 29.32
CA GLY B 389 -16.48 27.65 29.90
C GLY B 389 -15.07 27.31 29.50
N LYS B 390 -14.86 26.69 28.33
CA LYS B 390 -13.49 26.42 27.92
C LYS B 390 -12.93 27.51 27.02
N LEU B 391 -13.78 28.37 26.47
CA LEU B 391 -13.38 29.44 25.55
C LEU B 391 -14.27 30.65 25.79
N HIS B 392 -13.68 31.83 25.66
CA HIS B 392 -14.39 33.10 25.73
C HIS B 392 -14.16 33.77 24.38
N LEU B 393 -15.20 33.79 23.54
CA LEU B 393 -15.10 34.26 22.16
C LEU B 393 -16.40 34.97 21.79
N LYS B 394 -16.29 36.17 21.27
CA LYS B 394 -17.47 36.81 20.71
C LYS B 394 -17.78 36.25 19.32
N GLU B 395 -19.04 36.39 18.91
CA GLU B 395 -19.52 35.74 17.69
C GLU B 395 -18.59 36.00 16.51
N GLU B 396 -18.22 37.26 16.31
CA GLU B 396 -17.39 37.65 15.17
C GLU B 396 -15.93 37.25 15.33
N GLU B 397 -15.56 36.59 16.42
CA GLU B 397 -14.20 36.10 16.59
C GLU B 397 -14.10 34.59 16.42
N ILE B 398 -15.23 33.91 16.20
CA ILE B 398 -15.24 32.45 16.21
C ILE B 398 -14.48 31.89 15.01
N LEU B 399 -14.84 32.32 13.80
CA LEU B 399 -14.20 31.76 12.62
C LEU B 399 -12.70 32.02 12.56
N ALA B 400 -12.18 32.95 13.36
CA ALA B 400 -10.74 33.19 13.36
C ALA B 400 -10.00 32.31 14.35
N TYR B 401 -10.71 31.68 15.29
CA TYR B 401 -10.08 30.80 16.26
C TYR B 401 -9.71 29.48 15.60
N ASP B 402 -8.47 29.05 15.80
CA ASP B 402 -7.92 27.82 15.24
C ASP B 402 -7.80 26.81 16.38
N MET B 403 -8.69 25.81 16.40
CA MET B 403 -8.81 24.97 17.58
C MET B 403 -7.52 24.19 17.81
N SER B 404 -6.99 24.31 19.03
CA SER B 404 -5.77 23.65 19.41
C SER B 404 -6.03 22.18 19.74
N THR B 405 -4.94 21.43 19.88
CA THR B 405 -5.05 20.01 20.19
C THR B 405 -5.68 19.78 21.56
N ASP B 406 -5.28 20.54 22.59
CA ASP B 406 -5.93 20.40 23.89
C ASP B 406 -7.41 20.73 23.81
N MET B 407 -7.78 21.81 23.10
CA MET B 407 -9.18 22.13 22.97
C MET B 407 -9.97 20.99 22.32
N GLU B 408 -9.37 20.31 21.34
CA GLU B 408 -10.09 19.23 20.68
C GLU B 408 -10.31 18.07 21.64
N LYS B 409 -9.32 17.77 22.48
CA LYS B 409 -9.53 16.79 23.55
C LYS B 409 -10.63 17.24 24.50
N GLU B 410 -10.69 18.53 24.81
CA GLU B 410 -11.78 19.04 25.65
C GLU B 410 -13.13 18.82 24.98
N LEU B 411 -13.21 19.07 23.68
CA LEU B 411 -14.46 18.81 22.99
C LEU B 411 -14.75 17.31 23.00
N GLY B 412 -13.71 16.48 22.84
CA GLY B 412 -13.89 15.04 22.98
C GLY B 412 -14.56 14.64 24.28
N LYS B 413 -14.11 15.22 25.40
CA LYS B 413 -14.73 14.88 26.67
C LYS B 413 -16.17 15.35 26.73
N ILE B 414 -16.44 16.54 26.21
CA ILE B 414 -17.80 17.08 26.22
C ILE B 414 -18.74 16.16 25.45
N VAL B 415 -18.32 15.77 24.24
CA VAL B 415 -19.20 14.98 23.36
C VAL B 415 -19.34 13.57 23.88
N LYS B 416 -18.30 13.05 24.56
CA LYS B 416 -18.39 11.75 25.19
C LYS B 416 -19.45 11.74 26.29
N ALA B 417 -19.50 12.80 27.11
CA ALA B 417 -20.48 12.82 28.19
C ALA B 417 -21.89 13.07 27.68
N SER B 418 -22.06 13.83 26.59
CA SER B 418 -23.39 14.20 26.13
C SER B 418 -23.93 13.30 25.03
N HIS B 419 -23.07 12.76 24.18
CA HIS B 419 -23.48 11.89 23.08
C HIS B 419 -23.08 10.44 23.28
N HIS B 420 -22.30 10.13 24.32
CA HIS B 420 -21.93 8.74 24.64
C HIS B 420 -21.21 8.05 23.47
N THR B 421 -20.30 8.74 22.80
CA THR B 421 -19.54 8.14 21.72
C THR B 421 -18.11 8.63 21.73
N ASP B 422 -17.20 7.83 21.19
CA ASP B 422 -15.81 8.22 21.00
C ASP B 422 -15.52 8.70 19.58
N TYR B 423 -16.54 8.81 18.72
CA TYR B 423 -16.32 9.04 17.29
C TYR B 423 -17.30 10.08 16.77
N TYR B 424 -16.79 11.19 16.23
CA TYR B 424 -17.68 12.19 15.63
C TYR B 424 -16.96 12.94 14.51
N ILE B 425 -17.72 13.77 13.81
CA ILE B 425 -17.27 14.50 12.64
C ILE B 425 -17.52 15.98 12.84
N ILE B 426 -16.57 16.81 12.41
CA ILE B 426 -16.78 18.26 12.32
C ILE B 426 -16.66 18.66 10.85
N ILE B 427 -17.61 19.47 10.39
CA ILE B 427 -17.61 20.04 9.04
C ILE B 427 -17.59 21.56 9.13
N ASN B 428 -17.35 22.19 7.98
CA ASN B 428 -17.48 23.64 7.78
C ASN B 428 -16.39 24.41 8.54
N PHE B 429 -15.15 23.95 8.40
CA PHE B 429 -14.02 24.70 8.93
C PHE B 429 -13.88 26.04 8.24
N PRO B 430 -13.28 27.03 8.91
CA PRO B 430 -13.04 28.32 8.27
C PRO B 430 -12.11 28.16 7.09
N SER B 431 -12.48 28.82 5.98
CA SER B 431 -11.68 28.74 4.75
C SER B 431 -10.24 29.15 5.00
N ALA B 432 -10.02 30.25 5.74
CA ALA B 432 -8.67 30.75 5.93
C ALA B 432 -7.76 29.77 6.69
N LEU B 433 -8.32 28.74 7.31
CA LEU B 433 -7.58 27.76 8.10
C LEU B 433 -7.40 26.42 7.40
N ARG B 434 -7.79 26.29 6.14
CA ARG B 434 -7.66 25.06 5.38
C ARG B 434 -6.82 25.30 4.13
N PRO B 435 -6.24 24.25 3.56
CA PRO B 435 -5.32 24.42 2.41
C PRO B 435 -6.01 25.03 1.20
N PHE B 436 -5.17 25.43 0.24
CA PHE B 436 -5.60 26.15 -0.95
C PHE B 436 -6.48 25.31 -1.86
N TYR B 437 -6.42 23.98 -1.78
CA TYR B 437 -7.26 23.19 -2.68
C TYR B 437 -8.68 23.00 -2.12
N THR B 438 -8.96 23.55 -0.95
CA THR B 438 -10.26 23.42 -0.29
C THR B 438 -11.27 24.37 -0.93
N MET B 439 -12.40 23.82 -1.38
CA MET B 439 -13.45 24.63 -1.94
C MET B 439 -14.24 25.31 -0.82
N TYR B 440 -14.47 26.61 -0.95
CA TYR B 440 -15.26 27.36 0.03
C TYR B 440 -16.74 27.33 -0.37
N LYS B 441 -17.59 27.68 0.58
CA LYS B 441 -19.03 27.82 0.30
C LYS B 441 -19.27 29.08 -0.53
N GLU B 442 -19.89 28.92 -1.71
CA GLU B 442 -20.00 30.03 -2.65
C GLU B 442 -20.79 31.20 -2.07
N ASP B 443 -21.85 30.91 -1.32
CA ASP B 443 -22.69 31.95 -0.73
C ASP B 443 -22.25 32.33 0.67
N GLU B 444 -21.11 31.82 1.14
CA GLU B 444 -20.63 32.04 2.50
C GLU B 444 -19.13 31.71 2.52
N PRO B 445 -18.33 32.51 1.81
CA PRO B 445 -16.95 32.09 1.48
C PRO B 445 -16.04 31.90 2.68
N ALA B 446 -16.36 32.49 3.83
CA ALA B 446 -15.48 32.35 4.99
C ALA B 446 -15.54 30.95 5.60
N ILE B 447 -16.57 30.17 5.24
CA ILE B 447 -16.71 28.77 5.60
C ILE B 447 -16.31 27.92 4.39
N SER B 448 -15.74 26.75 4.65
CA SER B 448 -15.35 25.84 3.58
C SER B 448 -16.11 24.53 3.70
N ASN B 449 -16.06 23.73 2.62
CA ASN B 449 -16.66 22.40 2.60
C ASN B 449 -15.59 21.36 2.94
N SER B 450 -15.25 21.35 4.22
CA SER B 450 -14.13 20.63 4.78
C SER B 450 -14.60 19.88 6.01
N TYR B 451 -13.80 18.90 6.44
CA TYR B 451 -14.22 18.02 7.52
C TYR B 451 -13.01 17.34 8.16
N ASP B 452 -13.09 17.16 9.49
CA ASP B 452 -12.22 16.26 10.24
C ASP B 452 -13.09 15.20 10.90
N PHE B 453 -12.54 13.99 11.01
CA PHE B 453 -13.12 12.94 11.84
C PHE B 453 -12.26 12.80 13.11
N PHE B 454 -12.89 12.41 14.22
CA PHE B 454 -12.19 12.32 15.50
C PHE B 454 -12.43 10.98 16.20
N MET B 455 -11.39 10.48 16.86
CA MET B 455 -11.48 9.31 17.73
C MET B 455 -10.92 9.70 19.08
N ARG B 456 -11.71 9.48 20.14
CA ARG B 456 -11.31 9.84 21.51
C ARG B 456 -10.84 11.30 21.56
N GLY B 457 -11.52 12.15 20.78
CA GLY B 457 -11.26 13.57 20.77
C GLY B 457 -10.06 14.02 19.96
N GLU B 458 -9.41 13.14 19.20
CA GLU B 458 -8.24 13.52 18.44
C GLU B 458 -8.42 13.24 16.95
N GLU B 459 -7.85 14.12 16.12
CA GLU B 459 -8.06 14.09 14.68
C GLU B 459 -7.43 12.86 14.05
N ILE B 460 -8.23 12.06 13.34
CA ILE B 460 -7.70 10.93 12.57
C ILE B 460 -7.75 11.18 11.07
N LEU B 461 -8.62 12.06 10.60
CA LEU B 461 -8.89 12.23 9.19
C LEU B 461 -9.14 13.70 8.91
N SER B 462 -8.61 14.17 7.79
CA SER B 462 -8.87 15.52 7.31
C SER B 462 -9.11 15.43 5.81
N GLY B 463 -10.06 16.22 5.30
CA GLY B 463 -10.41 16.17 3.88
C GLY B 463 -11.31 17.33 3.50
N SER B 464 -11.70 17.36 2.22
CA SER B 464 -12.59 18.43 1.77
C SER B 464 -13.07 18.17 0.36
N GLN B 465 -14.19 18.82 0.01
CA GLN B 465 -14.49 19.10 -1.38
C GLN B 465 -13.31 19.87 -1.99
N ARG B 466 -12.93 19.50 -3.21
CA ARG B 466 -11.82 20.17 -3.88
C ARG B 466 -12.34 21.27 -4.79
N ILE B 467 -11.49 22.25 -5.05
CA ILE B 467 -11.80 23.21 -6.10
C ILE B 467 -11.59 22.49 -7.43
N SER B 468 -12.65 22.39 -8.23
CA SER B 468 -12.59 21.67 -9.49
C SER B 468 -12.83 22.61 -10.67
N ASP B 469 -12.52 23.88 -10.50
CA ASP B 469 -12.56 24.88 -11.56
C ASP B 469 -11.18 25.52 -11.66
N VAL B 470 -10.54 25.43 -12.83
CA VAL B 470 -9.15 25.88 -12.93
C VAL B 470 -9.03 27.37 -12.66
N ASN B 471 -10.02 28.17 -13.03
CA ASN B 471 -9.95 29.60 -12.76
C ASN B 471 -10.11 29.89 -11.26
N LEU B 472 -11.05 29.21 -10.58
CA LEU B 472 -11.17 29.39 -9.13
C LEU B 472 -9.92 28.88 -8.42
N LEU B 473 -9.29 27.84 -8.96
CA LEU B 473 -8.09 27.31 -8.34
C LEU B 473 -6.96 28.33 -8.39
N LEU B 474 -6.72 28.92 -9.58
CA LEU B 474 -5.70 29.96 -9.68
C LEU B 474 -6.00 31.14 -8.76
N GLU B 475 -7.28 31.52 -8.65
CA GLU B 475 -7.64 32.59 -7.71
C GLU B 475 -7.21 32.24 -6.29
N ASN B 476 -7.48 31.01 -5.85
CA ASN B 476 -7.18 30.61 -4.48
C ASN B 476 -5.69 30.41 -4.24
N ILE B 477 -4.96 29.98 -5.27
CA ILE B 477 -3.51 29.86 -5.14
C ILE B 477 -2.87 31.22 -4.87
N LYS B 478 -3.38 32.26 -5.54
CA LYS B 478 -2.87 33.62 -5.34
C LYS B 478 -3.30 34.18 -3.99
N ARG B 479 -4.58 34.00 -3.65
CA ARG B 479 -5.08 34.38 -2.34
C ARG B 479 -4.26 33.75 -1.21
N PHE B 480 -3.68 32.57 -1.43
CA PHE B 480 -2.80 31.92 -0.46
C PHE B 480 -1.33 32.22 -0.71
N ASN B 481 -1.05 33.27 -1.50
CA ASN B 481 0.31 33.73 -1.81
C ASN B 481 1.25 32.59 -2.20
N LEU B 482 0.80 31.74 -3.12
CA LEU B 482 1.59 30.62 -3.59
C LEU B 482 2.04 30.82 -5.03
N ASP B 483 3.04 30.06 -5.43
CA ASP B 483 3.72 30.19 -6.71
C ASP B 483 3.06 29.26 -7.71
N ALA B 484 2.17 29.81 -8.53
CA ALA B 484 1.48 29.00 -9.52
C ALA B 484 2.43 28.31 -10.50
N ASN B 485 3.67 28.81 -10.63
CA ASN B 485 4.59 28.19 -11.58
C ASN B 485 5.13 26.87 -11.05
N LYS B 486 5.41 26.80 -9.74
CA LYS B 486 5.81 25.54 -9.13
C LYS B 486 4.74 24.48 -9.26
N LEU B 487 3.47 24.88 -9.24
CA LEU B 487 2.34 23.97 -9.22
C LEU B 487 1.74 23.75 -10.61
N ASN B 488 2.44 24.15 -11.67
CA ASN B 488 1.83 24.21 -12.99
C ASN B 488 1.37 22.82 -13.47
N PHE B 489 2.18 21.80 -13.26
CA PHE B 489 1.76 20.46 -13.67
C PHE B 489 0.43 20.07 -13.02
N TYR B 490 0.23 20.47 -11.75
CA TYR B 490 -1.02 20.16 -11.05
C TYR B 490 -2.16 21.04 -11.55
N ILE B 491 -1.97 22.35 -11.59
CA ILE B 491 -2.98 23.26 -12.13
C ILE B 491 -3.44 22.78 -13.51
N ASP B 492 -2.48 22.43 -14.36
CA ASP B 492 -2.81 22.15 -15.74
C ASP B 492 -3.76 20.97 -15.85
N SER B 493 -3.71 20.05 -14.88
CA SER B 493 -4.55 18.86 -14.95
C SER B 493 -6.02 19.18 -14.79
N PHE B 494 -6.36 20.39 -14.34
CA PHE B 494 -7.75 20.86 -14.23
C PHE B 494 -8.22 21.59 -15.48
N ALA B 495 -7.36 21.81 -16.48
CA ALA B 495 -7.67 22.73 -17.56
C ALA B 495 -8.33 22.04 -18.74
N TYR B 496 -8.54 20.73 -18.67
CA TYR B 496 -9.28 19.99 -19.70
C TYR B 496 -10.50 19.35 -19.05
N SER B 497 -11.20 20.13 -18.22
CA SER B 497 -12.38 19.72 -17.47
C SER B 497 -11.98 19.05 -16.16
N SER B 498 -12.80 19.19 -15.13
CA SER B 498 -12.56 18.54 -13.84
C SER B 498 -13.89 18.13 -13.21
N TYR B 499 -13.99 16.86 -12.82
CA TYR B 499 -15.19 16.34 -12.17
C TYR B 499 -15.28 16.91 -10.75
N PRO B 500 -16.51 17.11 -10.25
CA PRO B 500 -16.66 17.35 -8.81
C PRO B 500 -16.03 16.20 -8.05
N HIS B 501 -15.13 16.52 -7.12
CA HIS B 501 -14.50 15.46 -6.35
C HIS B 501 -14.13 15.96 -4.95
N SER B 502 -13.87 14.99 -4.09
CA SER B 502 -13.41 15.26 -2.74
C SER B 502 -12.44 14.14 -2.37
N GLY B 503 -11.78 14.30 -1.24
CA GLY B 503 -10.97 13.22 -0.72
C GLY B 503 -10.61 13.45 0.72
N CYS B 504 -9.67 12.64 1.21
CA CYS B 504 -9.32 12.71 2.63
C CYS B 504 -8.01 11.95 2.86
N GLY B 505 -7.38 12.28 3.97
CA GLY B 505 -6.13 11.64 4.36
C GLY B 505 -6.21 11.23 5.81
N ILE B 506 -5.70 10.03 6.09
CA ILE B 506 -5.92 9.33 7.34
C ILE B 506 -4.57 8.86 7.89
N GLY B 507 -4.35 9.05 9.19
CA GLY B 507 -3.16 8.50 9.82
C GLY B 507 -3.36 7.06 10.28
N LEU B 508 -2.71 6.10 9.60
CA LEU B 508 -2.87 4.71 10.01
C LEU B 508 -2.49 4.51 11.48
N GLU B 509 -1.28 4.97 11.85
CA GLU B 509 -0.80 4.75 13.21
C GLU B 509 -1.69 5.45 14.23
N ARG B 510 -2.14 6.67 13.92
CA ARG B 510 -3.03 7.38 14.85
C ARG B 510 -4.37 6.68 15.01
N VAL B 511 -4.90 6.08 13.95
CA VAL B 511 -6.17 5.37 14.07
C VAL B 511 -6.03 4.19 15.01
N LEU B 512 -4.90 3.50 14.94
CA LEU B 512 -4.70 2.35 15.81
C LEU B 512 -4.49 2.81 17.25
N MET B 513 -3.62 3.81 17.44
CA MET B 513 -3.37 4.39 18.75
C MET B 513 -4.67 4.82 19.42
N LEU B 514 -5.45 5.66 18.73
CA LEU B 514 -6.68 6.16 19.33
C LEU B 514 -7.72 5.06 19.53
N PHE B 515 -7.76 4.05 18.65
CA PHE B 515 -8.71 2.95 18.87
C PHE B 515 -8.40 2.23 20.18
N LEU B 516 -7.13 1.93 20.41
CA LEU B 516 -6.73 1.19 21.60
C LEU B 516 -6.56 2.09 22.82
N GLY B 517 -6.58 3.41 22.63
CA GLY B 517 -6.35 4.30 23.75
C GLY B 517 -4.93 4.36 24.23
N LEU B 518 -3.95 4.02 23.37
CA LEU B 518 -2.56 4.04 23.78
C LEU B 518 -2.05 5.48 23.98
N ASN B 519 -0.93 5.60 24.72
CA ASN B 519 -0.51 6.91 25.20
C ASN B 519 0.52 7.61 24.30
N ASN B 520 1.01 6.94 23.26
CA ASN B 520 2.09 7.51 22.46
C ASN B 520 2.05 6.87 21.09
N ILE B 521 2.21 7.70 20.05
CA ILE B 521 2.19 7.26 18.67
C ILE B 521 3.30 6.25 18.40
N ARG B 522 4.39 6.32 19.17
CA ARG B 522 5.47 5.37 19.00
C ARG B 522 5.08 3.94 19.35
N LYS B 523 3.94 3.71 20.02
CA LYS B 523 3.51 2.33 20.22
C LYS B 523 2.83 1.72 18.99
N THR B 524 2.40 2.50 18.01
CA THR B 524 1.72 1.93 16.85
C THR B 524 2.49 2.13 15.54
N SER B 525 3.77 2.51 15.60
CA SER B 525 4.67 2.54 14.44
C SER B 525 5.84 1.58 14.69
N LEU B 526 6.12 0.68 13.73
CA LEU B 526 7.11 -0.37 13.99
C LEU B 526 8.46 0.20 14.40
N PHE B 527 9.03 1.06 13.55
CA PHE B 527 10.35 1.67 13.76
C PHE B 527 10.18 3.17 13.64
N PRO B 528 9.70 3.82 14.69
CA PRO B 528 9.26 5.23 14.58
C PRO B 528 10.39 6.19 14.29
N ARG B 529 10.06 7.23 13.52
CA ARG B 529 10.97 8.30 13.13
C ARG B 529 10.51 9.59 13.79
N ASP B 530 11.37 10.17 14.63
CA ASP B 530 11.08 11.51 15.12
C ASP B 530 12.35 12.34 14.99
N PRO B 531 12.29 13.64 15.29
CA PRO B 531 13.47 14.50 15.05
C PRO B 531 14.72 14.05 15.78
N LYS B 532 14.59 13.27 16.84
CA LYS B 532 15.75 12.79 17.60
C LYS B 532 16.10 11.34 17.32
N ARG B 533 15.28 10.62 16.56
CA ARG B 533 15.47 9.19 16.34
C ARG B 533 15.43 8.89 14.85
N LEU B 534 16.57 8.47 14.30
CA LEU B 534 16.69 7.99 12.94
C LEU B 534 17.02 6.50 12.90
N ILE B 535 17.24 5.88 14.05
CA ILE B 535 17.73 4.52 14.19
C ILE B 535 16.96 3.90 15.36
N PRO B 536 16.54 2.64 15.28
CA PRO B 536 16.81 1.72 14.17
C PRO B 536 16.17 2.23 12.86
#